data_1KYY
#
_entry.id   1KYY
#
_cell.length_a   111.261
_cell.length_b   145.044
_cell.length_c   127.860
_cell.angle_alpha   90.00
_cell.angle_beta   90.00
_cell.angle_gamma   90.00
#
_symmetry.space_group_name_H-M   'C 2 2 21'
#
loop_
_entity.id
_entity.type
_entity.pdbx_description
1 polymer '6,7-Dimethyl-8-ribityllumazine Synthase'
2 non-polymer 'PHOSPHATE ION'
3 non-polymer 5-NITRO-6-RIBITYL-AMINO-2,4(1H,3H)-PYRIMIDINEDIONE
4 water water
#
_entity_poly.entity_id   1
_entity_poly.type   'polypeptide(L)'
_entity_poly.pdbx_seq_one_letter_code
;MFSGIKGPNPSDLKGPELRILIVHARWNLQAIEPLVKGAVETMIEKHDVKLENIDIESVPGSWELPQGIRASIARNTYDA
VIGIGVLIKGSTMHFEYISEAVVHGLMRVGLDSGVPVILGLLTVLNEEQALYRAGLNGGHNHGNDWGSAAVEMGLKALY
;
_entity_poly.pdbx_strand_id   A,B,C,D,E
#
# COMPACT_ATOMS: atom_id res chain seq x y z
N PRO A 10 10.07 -7.12 -30.59
CA PRO A 10 11.14 -6.11 -30.83
C PRO A 10 12.41 -6.82 -31.28
N SER A 11 12.92 -6.42 -32.45
CA SER A 11 14.13 -7.00 -33.02
C SER A 11 15.39 -6.64 -32.21
N ASP A 12 16.09 -5.60 -32.66
CA ASP A 12 17.29 -5.13 -31.97
C ASP A 12 17.16 -3.62 -31.75
N LEU A 13 16.93 -3.23 -30.50
CA LEU A 13 16.75 -1.83 -30.17
C LEU A 13 18.06 -1.12 -29.88
N LYS A 14 18.24 0.03 -30.53
CA LYS A 14 19.43 0.86 -30.39
C LYS A 14 19.00 2.23 -29.88
N GLY A 15 19.70 2.75 -28.88
CA GLY A 15 19.36 4.04 -28.32
C GLY A 15 20.55 4.95 -28.13
N PRO A 16 21.23 5.33 -29.22
CA PRO A 16 22.40 6.21 -29.15
C PRO A 16 22.16 7.60 -28.55
N GLU A 17 20.90 8.04 -28.50
CA GLU A 17 20.58 9.36 -27.94
C GLU A 17 19.93 9.28 -26.56
N LEU A 18 19.72 8.07 -26.05
CA LEU A 18 19.12 7.89 -24.74
C LEU A 18 20.01 8.35 -23.58
N ARG A 19 19.38 8.95 -22.58
CA ARG A 19 20.09 9.37 -21.38
C ARG A 19 19.53 8.45 -20.30
N ILE A 20 20.40 7.66 -19.70
CA ILE A 20 20.00 6.71 -18.68
C ILE A 20 20.61 6.99 -17.31
N LEU A 21 19.77 6.92 -16.28
CA LEU A 21 20.23 7.12 -14.91
C LEU A 21 20.24 5.77 -14.16
N ILE A 22 21.30 5.52 -13.40
CA ILE A 22 21.42 4.30 -12.58
C ILE A 22 21.69 4.70 -11.13
N VAL A 23 20.80 4.35 -10.23
CA VAL A 23 21.02 4.64 -8.81
C VAL A 23 21.12 3.26 -8.13
N HIS A 24 22.21 3.04 -7.40
CA HIS A 24 22.41 1.78 -6.73
C HIS A 24 22.75 2.08 -5.28
N ALA A 25 22.40 1.17 -4.38
CA ALA A 25 22.68 1.33 -2.94
C ALA A 25 24.09 0.77 -2.75
N ARG A 26 24.63 0.87 -1.55
CA ARG A 26 25.99 0.35 -1.34
C ARG A 26 26.10 -0.81 -0.38
N TRP A 27 24.97 -1.33 0.10
CA TRP A 27 25.00 -2.51 0.96
C TRP A 27 25.24 -3.71 0.05
N ASN A 28 26.08 -4.63 0.49
CA ASN A 28 26.35 -5.83 -0.31
C ASN A 28 26.97 -5.47 -1.66
N LEU A 29 27.98 -4.59 -1.63
CA LEU A 29 28.68 -4.17 -2.85
C LEU A 29 29.19 -5.31 -3.70
N GLN A 30 29.57 -6.40 -3.05
CA GLN A 30 30.08 -7.59 -3.71
C GLN A 30 29.10 -8.00 -4.80
N ALA A 31 27.80 -7.86 -4.54
CA ALA A 31 26.80 -8.25 -5.53
C ALA A 31 26.39 -7.07 -6.40
N ILE A 32 26.42 -5.88 -5.83
CA ILE A 32 26.04 -4.67 -6.56
C ILE A 32 26.92 -4.39 -7.78
N GLU A 33 28.23 -4.30 -7.55
CA GLU A 33 29.17 -4.00 -8.64
C GLU A 33 28.94 -4.77 -9.94
N PRO A 34 28.92 -6.11 -9.89
CA PRO A 34 28.70 -6.88 -11.13
C PRO A 34 27.37 -6.52 -11.78
N LEU A 35 26.34 -6.27 -10.96
CA LEU A 35 25.01 -5.92 -11.47
C LEU A 35 25.08 -4.63 -12.27
N VAL A 36 25.70 -3.61 -11.70
CA VAL A 36 25.85 -2.32 -12.38
C VAL A 36 26.64 -2.51 -13.69
N LYS A 37 27.78 -3.21 -13.63
CA LYS A 37 28.61 -3.45 -14.82
C LYS A 37 27.80 -4.09 -15.94
N GLY A 38 27.12 -5.19 -15.60
CA GLY A 38 26.31 -5.90 -16.54
C GLY A 38 25.33 -4.98 -17.24
N ALA A 39 24.68 -4.14 -16.47
CA ALA A 39 23.72 -3.20 -17.04
C ALA A 39 24.43 -2.22 -17.99
N VAL A 40 25.50 -1.56 -17.51
CA VAL A 40 26.22 -0.60 -18.33
C VAL A 40 26.77 -1.23 -19.60
N GLU A 41 27.53 -2.30 -19.45
CA GLU A 41 28.11 -3.00 -20.60
C GLU A 41 27.07 -3.39 -21.65
N THR A 42 25.95 -3.96 -21.20
CA THR A 42 24.90 -4.38 -22.11
C THR A 42 24.31 -3.20 -22.88
N MET A 43 24.09 -2.08 -22.20
CA MET A 43 23.53 -0.91 -22.87
C MET A 43 24.47 -0.39 -23.94
N ILE A 44 25.75 -0.28 -23.60
CA ILE A 44 26.77 0.22 -24.51
C ILE A 44 27.05 -0.70 -25.68
N GLU A 45 27.49 -1.92 -25.37
CA GLU A 45 27.86 -2.90 -26.39
C GLU A 45 26.73 -3.48 -27.21
N LYS A 46 25.55 -3.58 -26.63
CA LYS A 46 24.45 -4.19 -27.37
C LYS A 46 23.36 -3.21 -27.81
N HIS A 47 23.29 -2.03 -27.22
CA HIS A 47 22.24 -1.10 -27.61
C HIS A 47 22.76 0.26 -28.08
N ASP A 48 24.07 0.36 -28.21
CA ASP A 48 24.71 1.59 -28.69
C ASP A 48 24.46 2.80 -27.80
N VAL A 49 24.24 2.58 -26.51
CA VAL A 49 24.06 3.71 -25.63
C VAL A 49 25.47 4.27 -25.41
N LYS A 50 25.59 5.59 -25.28
CA LYS A 50 26.89 6.20 -25.08
C LYS A 50 27.23 6.32 -23.59
N LEU A 51 28.41 5.84 -23.23
CA LEU A 51 28.92 5.85 -21.86
C LEU A 51 28.71 7.22 -21.18
N GLU A 52 28.93 8.27 -21.95
CA GLU A 52 28.81 9.64 -21.46
C GLU A 52 27.38 10.04 -21.19
N ASN A 53 26.43 9.23 -21.65
CA ASN A 53 25.02 9.53 -21.45
C ASN A 53 24.41 8.74 -20.30
N ILE A 54 25.26 8.02 -19.57
CA ILE A 54 24.84 7.19 -18.46
C ILE A 54 25.33 7.75 -17.14
N ASP A 55 24.41 8.30 -16.36
CA ASP A 55 24.77 8.83 -15.05
C ASP A 55 24.65 7.73 -14.02
N ILE A 56 25.62 7.66 -13.12
CA ILE A 56 25.59 6.65 -12.09
C ILE A 56 25.75 7.29 -10.73
N GLU A 57 24.75 7.08 -9.87
CA GLU A 57 24.75 7.63 -8.53
C GLU A 57 24.55 6.52 -7.51
N SER A 58 24.86 6.79 -6.25
CA SER A 58 24.68 5.77 -5.25
C SER A 58 24.06 6.39 -4.02
N VAL A 59 23.45 5.55 -3.19
CA VAL A 59 22.83 5.98 -1.94
C VAL A 59 23.27 4.91 -0.96
N PRO A 60 23.22 5.19 0.35
CA PRO A 60 23.63 4.22 1.37
C PRO A 60 22.94 2.85 1.20
N GLY A 61 21.61 2.85 1.31
CA GLY A 61 20.87 1.60 1.20
C GLY A 61 19.61 1.64 0.35
N SER A 62 19.03 0.45 0.15
CA SER A 62 17.82 0.30 -0.66
C SER A 62 16.68 1.20 -0.23
N TRP A 63 16.60 1.52 1.05
CA TRP A 63 15.55 2.39 1.53
C TRP A 63 15.66 3.76 0.86
N GLU A 64 16.88 4.18 0.55
CA GLU A 64 17.09 5.49 -0.07
C GLU A 64 16.90 5.52 -1.59
N LEU A 65 16.79 4.35 -2.22
CA LEU A 65 16.62 4.30 -3.68
C LEU A 65 15.48 5.16 -4.22
N PRO A 66 14.25 4.99 -3.69
CA PRO A 66 13.14 5.80 -4.18
C PRO A 66 13.42 7.28 -4.03
N GLN A 67 13.91 7.68 -2.86
CA GLN A 67 14.18 9.09 -2.62
C GLN A 67 15.32 9.61 -3.50
N GLY A 68 16.38 8.82 -3.67
CA GLY A 68 17.50 9.25 -4.50
C GLY A 68 17.07 9.43 -5.94
N ILE A 69 16.25 8.52 -6.43
CA ILE A 69 15.76 8.58 -7.80
C ILE A 69 14.84 9.76 -8.02
N ARG A 70 13.99 10.05 -7.04
CA ARG A 70 13.06 11.14 -7.14
C ARG A 70 13.80 12.47 -7.23
N ALA A 71 14.79 12.65 -6.36
CA ALA A 71 15.59 13.88 -6.36
C ALA A 71 16.29 14.08 -7.70
N SER A 72 16.91 13.03 -8.23
CA SER A 72 17.62 13.15 -9.49
C SER A 72 16.78 13.41 -10.72
N ILE A 73 15.64 12.75 -10.87
CA ILE A 73 14.85 13.00 -12.06
C ILE A 73 14.18 14.36 -12.03
N ALA A 74 14.22 15.03 -10.88
CA ALA A 74 13.65 16.37 -10.73
C ALA A 74 14.70 17.41 -11.19
N ARG A 75 15.98 17.07 -11.09
CA ARG A 75 17.07 17.96 -11.51
C ARG A 75 17.45 17.82 -13.00
N ASN A 76 17.56 16.59 -13.49
CA ASN A 76 17.92 16.39 -14.88
C ASN A 76 16.84 15.65 -15.63
N THR A 77 17.08 15.39 -16.90
CA THR A 77 16.10 14.69 -17.71
C THR A 77 16.68 13.36 -18.16
N TYR A 78 15.96 12.28 -17.87
CA TYR A 78 16.40 10.94 -18.23
C TYR A 78 15.31 10.23 -18.97
N ASP A 79 15.68 9.34 -19.89
CA ASP A 79 14.68 8.58 -20.62
C ASP A 79 14.24 7.36 -19.86
N ALA A 80 15.13 6.84 -19.02
CA ALA A 80 14.85 5.67 -18.20
C ALA A 80 15.78 5.67 -17.00
N VAL A 81 15.35 4.97 -15.95
CA VAL A 81 16.09 4.87 -14.70
C VAL A 81 16.13 3.43 -14.22
N ILE A 82 17.28 3.01 -13.69
CA ILE A 82 17.45 1.66 -13.16
C ILE A 82 17.79 1.75 -11.70
N GLY A 83 16.94 1.18 -10.85
CA GLY A 83 17.20 1.18 -9.42
C GLY A 83 17.80 -0.16 -9.01
N ILE A 84 19.03 -0.14 -8.50
CA ILE A 84 19.70 -1.37 -8.09
C ILE A 84 20.02 -1.44 -6.60
N GLY A 85 19.63 -2.55 -5.98
CA GLY A 85 19.89 -2.73 -4.57
C GLY A 85 19.79 -4.19 -4.23
N VAL A 86 20.41 -4.59 -3.14
CA VAL A 86 20.38 -5.97 -2.72
C VAL A 86 19.97 -6.10 -1.25
N LEU A 87 18.83 -6.73 -1.01
CA LEU A 87 18.33 -6.93 0.35
C LEU A 87 18.44 -8.41 0.71
N ILE A 88 19.03 -8.71 1.87
CA ILE A 88 19.18 -10.09 2.29
C ILE A 88 18.48 -10.33 3.62
N LYS A 89 17.62 -11.34 3.67
CA LYS A 89 16.88 -11.65 4.90
C LYS A 89 17.83 -11.78 6.09
N GLY A 90 17.50 -11.11 7.19
CA GLY A 90 18.32 -11.17 8.39
C GLY A 90 17.61 -11.96 9.47
N SER A 91 17.83 -11.61 10.74
CA SER A 91 17.19 -12.34 11.83
C SER A 91 15.89 -11.71 12.29
N THR A 92 15.59 -10.51 11.80
CA THR A 92 14.38 -9.82 12.21
C THR A 92 13.40 -9.68 11.05
N MET A 93 12.35 -8.88 11.23
CA MET A 93 11.37 -8.64 10.17
C MET A 93 11.73 -7.41 9.34
N HIS A 94 12.93 -6.90 9.58
CA HIS A 94 13.43 -5.72 8.89
C HIS A 94 13.42 -5.87 7.34
N PHE A 95 13.93 -6.99 6.86
CA PHE A 95 13.99 -7.31 5.43
C PHE A 95 12.62 -7.23 4.73
N GLU A 96 11.61 -7.82 5.35
CA GLU A 96 10.26 -7.86 4.83
C GLU A 96 9.66 -6.46 4.72
N TYR A 97 9.74 -5.69 5.79
CA TYR A 97 9.18 -4.35 5.76
C TYR A 97 9.90 -3.39 4.84
N ILE A 98 11.23 -3.49 4.77
CA ILE A 98 11.95 -2.60 3.88
C ILE A 98 11.68 -2.97 2.43
N SER A 99 11.66 -4.26 2.14
CA SER A 99 11.42 -4.76 0.78
C SER A 99 10.07 -4.29 0.27
N GLU A 100 9.04 -4.47 1.07
CA GLU A 100 7.72 -4.07 0.65
C GLU A 100 7.65 -2.56 0.39
N ALA A 101 8.14 -1.75 1.34
CA ALA A 101 8.11 -0.31 1.15
C ALA A 101 8.96 0.20 -0.03
N VAL A 102 10.12 -0.40 -0.29
CA VAL A 102 10.94 0.07 -1.39
C VAL A 102 10.31 -0.22 -2.73
N VAL A 103 9.78 -1.43 -2.87
CA VAL A 103 9.12 -1.84 -4.10
C VAL A 103 7.89 -0.95 -4.42
N HIS A 104 7.09 -0.62 -3.41
N HIS A 104 7.10 -0.63 -3.40
CA HIS A 104 5.95 0.24 -3.65
CA HIS A 104 5.95 0.25 -3.60
C HIS A 104 6.44 1.66 -3.95
C HIS A 104 6.44 1.65 -3.95
N GLY A 105 7.51 2.07 -3.28
CA GLY A 105 8.09 3.40 -3.50
C GLY A 105 8.64 3.58 -4.90
N LEU A 106 9.31 2.56 -5.43
CA LEU A 106 9.88 2.65 -6.76
C LEU A 106 8.77 2.69 -7.82
N MET A 107 7.68 1.95 -7.59
CA MET A 107 6.56 1.95 -8.53
C MET A 107 5.94 3.35 -8.49
N ARG A 108 5.78 3.88 -7.28
CA ARG A 108 5.20 5.22 -7.16
C ARG A 108 5.98 6.32 -7.91
N VAL A 109 7.29 6.34 -7.75
CA VAL A 109 8.12 7.36 -8.40
C VAL A 109 8.02 7.29 -9.92
N GLY A 110 7.94 6.08 -10.46
CA GLY A 110 7.82 5.95 -11.89
C GLY A 110 6.48 6.42 -12.43
N LEU A 111 5.40 6.09 -11.71
CA LEU A 111 4.07 6.49 -12.13
C LEU A 111 3.82 7.97 -11.89
N ASP A 112 4.41 8.53 -10.83
CA ASP A 112 4.23 9.95 -10.54
C ASP A 112 4.92 10.80 -11.60
N SER A 113 6.16 10.44 -11.93
CA SER A 113 6.99 11.19 -12.86
C SER A 113 6.78 10.91 -14.33
N GLY A 114 6.28 9.72 -14.67
CA GLY A 114 6.11 9.43 -16.08
C GLY A 114 7.42 8.88 -16.64
N VAL A 115 8.47 8.76 -15.81
CA VAL A 115 9.73 8.20 -16.29
C VAL A 115 9.84 6.71 -15.90
N PRO A 116 10.10 5.83 -16.88
CA PRO A 116 10.22 4.39 -16.62
C PRO A 116 11.29 4.06 -15.58
N VAL A 117 10.91 3.34 -14.54
CA VAL A 117 11.86 2.96 -13.51
C VAL A 117 11.97 1.45 -13.62
N ILE A 118 13.19 0.97 -13.89
CA ILE A 118 13.46 -0.46 -14.03
C ILE A 118 13.86 -1.06 -12.68
N LEU A 119 13.23 -2.18 -12.32
CA LEU A 119 13.50 -2.84 -11.03
C LEU A 119 14.76 -3.74 -11.03
N GLY A 120 15.83 -3.22 -10.43
CA GLY A 120 17.08 -3.96 -10.32
C GLY A 120 17.31 -4.28 -8.85
N LEU A 121 16.22 -4.64 -8.18
CA LEU A 121 16.25 -4.96 -6.78
C LEU A 121 16.24 -6.47 -6.57
N LEU A 122 17.14 -6.96 -5.73
CA LEU A 122 17.16 -8.40 -5.42
C LEU A 122 16.75 -8.53 -3.98
N THR A 123 15.77 -9.42 -3.71
CA THR A 123 15.28 -9.68 -2.36
C THR A 123 15.47 -11.19 -2.17
N VAL A 124 16.63 -11.53 -1.63
CA VAL A 124 17.06 -12.91 -1.45
C VAL A 124 17.12 -13.38 0.00
N LEU A 125 17.27 -14.69 0.18
CA LEU A 125 17.34 -15.31 1.50
C LEU A 125 18.73 -15.36 2.10
N ASN A 126 19.74 -15.37 1.24
CA ASN A 126 21.13 -15.42 1.70
C ASN A 126 22.05 -14.86 0.62
N GLU A 127 23.30 -14.62 0.98
CA GLU A 127 24.26 -14.04 0.05
C GLU A 127 24.51 -14.83 -1.21
N GLU A 128 24.55 -16.15 -1.09
CA GLU A 128 24.77 -16.99 -2.25
C GLU A 128 23.76 -16.73 -3.38
N GLN A 129 22.48 -16.60 -3.02
CA GLN A 129 21.44 -16.35 -4.00
C GLN A 129 21.70 -15.04 -4.75
N ALA A 130 22.21 -14.04 -4.05
CA ALA A 130 22.49 -12.74 -4.67
C ALA A 130 23.65 -12.82 -5.65
N LEU A 131 24.74 -13.49 -5.25
CA LEU A 131 25.90 -13.59 -6.13
C LEU A 131 25.55 -14.36 -7.39
N TYR A 132 24.72 -15.38 -7.23
CA TYR A 132 24.33 -16.20 -8.37
C TYR A 132 23.61 -15.35 -9.40
N ARG A 133 22.72 -14.47 -8.93
CA ARG A 133 21.95 -13.63 -9.83
C ARG A 133 22.75 -12.44 -10.37
N ALA A 134 23.98 -12.28 -9.87
CA ALA A 134 24.86 -11.21 -10.31
C ALA A 134 25.85 -11.81 -11.31
N GLY A 135 25.63 -13.07 -11.67
CA GLY A 135 26.51 -13.71 -12.64
C GLY A 135 27.70 -14.47 -12.10
N LEU A 136 27.83 -14.61 -10.79
CA LEU A 136 28.94 -15.37 -10.22
C LEU A 136 28.49 -16.82 -10.03
N ASN A 137 29.43 -17.70 -9.71
CA ASN A 137 29.18 -19.11 -9.49
C ASN A 137 28.26 -19.80 -10.47
N GLY A 138 28.44 -19.52 -11.76
CA GLY A 138 27.63 -20.17 -12.77
C GLY A 138 26.29 -19.51 -13.10
N GLY A 139 25.94 -18.44 -12.41
CA GLY A 139 24.67 -17.77 -12.67
C GLY A 139 24.63 -16.80 -13.84
N HIS A 140 23.43 -16.31 -14.13
CA HIS A 140 23.22 -15.36 -15.20
C HIS A 140 23.19 -13.94 -14.61
N ASN A 141 23.96 -13.02 -15.18
CA ASN A 141 23.97 -11.67 -14.63
C ASN A 141 22.67 -10.95 -15.00
N HIS A 142 21.80 -10.75 -14.02
CA HIS A 142 20.51 -10.07 -14.22
C HIS A 142 20.62 -8.61 -14.63
N GLY A 143 21.74 -7.97 -14.28
CA GLY A 143 21.95 -6.59 -14.67
C GLY A 143 21.84 -6.43 -16.19
N ASN A 144 22.22 -7.46 -16.95
CA ASN A 144 22.12 -7.39 -18.40
C ASN A 144 20.69 -7.17 -18.85
N ASP A 145 19.76 -7.92 -18.25
CA ASP A 145 18.36 -7.81 -18.64
C ASP A 145 17.82 -6.44 -18.32
N TRP A 146 18.26 -5.89 -17.19
CA TRP A 146 17.80 -4.57 -16.78
C TRP A 146 18.27 -3.50 -17.75
N GLY A 147 19.51 -3.68 -18.26
CA GLY A 147 20.02 -2.73 -19.23
C GLY A 147 19.13 -2.72 -20.46
N SER A 148 18.84 -3.89 -21.02
CA SER A 148 17.98 -3.96 -22.21
C SER A 148 16.57 -3.41 -21.93
N ALA A 149 16.07 -3.62 -20.71
CA ALA A 149 14.74 -3.12 -20.38
C ALA A 149 14.73 -1.60 -20.32
N ALA A 150 15.83 -1.02 -19.84
CA ALA A 150 15.94 0.43 -19.75
C ALA A 150 15.90 1.02 -21.15
N VAL A 151 16.68 0.43 -22.04
CA VAL A 151 16.70 0.92 -23.40
C VAL A 151 15.31 0.80 -24.05
N GLU A 152 14.71 -0.38 -23.97
CA GLU A 152 13.38 -0.55 -24.56
C GLU A 152 12.32 0.42 -24.03
N MET A 153 12.25 0.59 -22.72
CA MET A 153 11.25 1.47 -22.15
C MET A 153 11.56 2.92 -22.43
N GLY A 154 12.85 3.25 -22.53
CA GLY A 154 13.25 4.62 -22.80
C GLY A 154 12.84 5.01 -24.21
N LEU A 155 13.00 4.09 -25.14
CA LEU A 155 12.61 4.35 -26.52
C LEU A 155 11.10 4.44 -26.68
N LYS A 156 10.36 3.59 -25.97
CA LYS A 156 8.90 3.59 -26.08
C LYS A 156 8.25 4.80 -25.45
N ALA A 157 9.05 5.60 -24.74
CA ALA A 157 8.56 6.80 -24.08
C ALA A 157 8.75 8.00 -25.01
N LEU A 158 9.46 7.78 -26.13
CA LEU A 158 9.69 8.85 -27.08
C LEU A 158 8.54 8.89 -28.09
N ASP B 12 -24.04 -11.13 -24.00
CA ASP B 12 -24.75 -10.57 -25.19
C ASP B 12 -24.41 -9.09 -25.44
N LEU B 13 -23.23 -8.64 -24.98
CA LEU B 13 -22.83 -7.25 -25.17
C LEU B 13 -21.97 -7.09 -26.42
N LYS B 14 -22.28 -6.08 -27.22
CA LYS B 14 -21.56 -5.80 -28.47
C LYS B 14 -20.90 -4.44 -28.40
N GLY B 15 -19.66 -4.34 -28.88
CA GLY B 15 -18.96 -3.06 -28.83
C GLY B 15 -18.20 -2.73 -30.08
N PRO B 16 -18.90 -2.54 -31.22
CA PRO B 16 -18.28 -2.21 -32.50
C PRO B 16 -17.51 -0.89 -32.54
N GLU B 17 -17.79 0.01 -31.61
CA GLU B 17 -17.07 1.28 -31.60
C GLU B 17 -16.01 1.40 -30.50
N LEU B 18 -15.87 0.36 -29.68
CA LEU B 18 -14.89 0.36 -28.60
C LEU B 18 -13.45 0.30 -29.11
N ARG B 19 -12.56 1.02 -28.45
CA ARG B 19 -11.15 1.01 -28.77
C ARG B 19 -10.52 0.34 -27.54
N ILE B 20 -9.90 -0.80 -27.75
CA ILE B 20 -9.30 -1.59 -26.67
C ILE B 20 -7.80 -1.69 -26.76
N LEU B 21 -7.11 -1.46 -25.65
CA LEU B 21 -5.65 -1.58 -25.62
C LEU B 21 -5.24 -2.82 -24.81
N ILE B 22 -4.28 -3.55 -25.35
CA ILE B 22 -3.74 -4.70 -24.68
C ILE B 22 -2.25 -4.53 -24.51
N VAL B 23 -1.78 -4.52 -23.25
CA VAL B 23 -0.34 -4.44 -22.99
C VAL B 23 0.02 -5.78 -22.31
N HIS B 24 1.01 -6.47 -22.85
CA HIS B 24 1.42 -7.75 -22.27
C HIS B 24 2.93 -7.76 -22.11
N ALA B 25 3.40 -8.53 -21.12
CA ALA B 25 4.82 -8.66 -20.85
C ALA B 25 5.36 -9.75 -21.78
N ARG B 26 6.68 -9.94 -21.80
CA ARG B 26 7.24 -10.98 -22.66
C ARG B 26 7.92 -12.12 -21.93
N TRP B 27 7.81 -12.17 -20.61
CA TRP B 27 8.35 -13.30 -19.82
C TRP B 27 7.32 -14.41 -19.89
N ASN B 28 7.77 -15.65 -20.10
CA ASN B 28 6.88 -16.79 -20.20
C ASN B 28 5.91 -16.65 -21.37
N LEU B 29 6.44 -16.32 -22.55
CA LEU B 29 5.64 -16.15 -23.77
C LEU B 29 4.79 -17.36 -24.14
N GLN B 30 5.27 -18.53 -23.74
CA GLN B 30 4.57 -19.76 -24.02
C GLN B 30 3.16 -19.68 -23.43
N ALA B 31 3.02 -18.98 -22.31
CA ALA B 31 1.71 -18.85 -21.69
C ALA B 31 1.05 -17.55 -22.18
N ILE B 32 1.85 -16.50 -22.37
CA ILE B 32 1.33 -15.22 -22.82
C ILE B 32 0.55 -15.28 -24.15
N GLU B 33 1.20 -15.78 -25.20
CA GLU B 33 0.57 -15.85 -26.53
C GLU B 33 -0.86 -16.34 -26.57
N PRO B 34 -1.13 -17.51 -25.97
CA PRO B 34 -2.50 -18.01 -25.99
C PRO B 34 -3.44 -17.05 -25.28
N LEU B 35 -2.96 -16.44 -24.21
CA LEU B 35 -3.80 -15.53 -23.45
C LEU B 35 -4.25 -14.33 -24.29
N VAL B 36 -3.29 -13.75 -25.01
CA VAL B 36 -3.57 -12.61 -25.88
C VAL B 36 -4.54 -12.99 -27.02
N LYS B 37 -4.30 -14.15 -27.63
CA LYS B 37 -5.16 -14.63 -28.71
C LYS B 37 -6.57 -14.82 -28.22
N GLY B 38 -6.70 -15.47 -27.08
CA GLY B 38 -8.03 -15.70 -26.55
C GLY B 38 -8.79 -14.42 -26.32
N ALA B 39 -8.09 -13.41 -25.81
CA ALA B 39 -8.73 -12.14 -25.54
C ALA B 39 -9.14 -11.46 -26.85
N VAL B 40 -8.22 -11.42 -27.80
CA VAL B 40 -8.51 -10.80 -29.08
C VAL B 40 -9.65 -11.53 -29.78
N GLU B 41 -9.49 -12.82 -30.00
CA GLU B 41 -10.52 -13.61 -30.65
C GLU B 41 -11.91 -13.44 -30.05
N THR B 42 -11.99 -13.48 -28.73
CA THR B 42 -13.27 -13.35 -28.08
C THR B 42 -13.89 -11.96 -28.28
N MET B 43 -13.09 -10.91 -28.23
CA MET B 43 -13.66 -9.59 -28.40
C MET B 43 -14.24 -9.42 -29.80
N ILE B 44 -13.49 -9.91 -30.78
CA ILE B 44 -13.88 -9.85 -32.18
C ILE B 44 -15.07 -10.75 -32.51
N GLU B 45 -14.86 -12.05 -32.39
CA GLU B 45 -15.87 -13.04 -32.71
C GLU B 45 -17.12 -13.05 -31.88
N LYS B 46 -17.02 -12.63 -30.62
CA LYS B 46 -18.20 -12.70 -29.77
C LYS B 46 -18.78 -11.35 -29.36
N HIS B 47 -18.01 -10.29 -29.54
CA HIS B 47 -18.49 -8.98 -29.14
C HIS B 47 -18.48 -7.93 -30.24
N ASP B 48 -18.15 -8.37 -31.45
CA ASP B 48 -18.14 -7.51 -32.63
C ASP B 48 -17.16 -6.36 -32.52
N VAL B 49 -16.09 -6.52 -31.77
CA VAL B 49 -15.09 -5.48 -31.68
C VAL B 49 -14.33 -5.63 -32.98
N LYS B 50 -13.86 -4.51 -33.54
CA LYS B 50 -13.14 -4.50 -34.80
C LYS B 50 -11.64 -4.61 -34.64
N LEU B 51 -11.05 -5.53 -35.39
CA LEU B 51 -9.61 -5.80 -35.36
C LEU B 51 -8.76 -4.54 -35.37
N GLU B 52 -9.17 -3.57 -36.17
CA GLU B 52 -8.42 -2.31 -36.31
C GLU B 52 -8.55 -1.39 -35.10
N ASN B 53 -9.45 -1.73 -34.20
CA ASN B 53 -9.67 -0.96 -33.00
C ASN B 53 -9.03 -1.56 -31.76
N ILE B 54 -8.16 -2.55 -31.98
CA ILE B 54 -7.47 -3.22 -30.89
C ILE B 54 -5.99 -2.99 -31.04
N ASP B 55 -5.40 -2.27 -30.10
CA ASP B 55 -3.97 -2.03 -30.14
C ASP B 55 -3.30 -3.04 -29.22
N ILE B 56 -2.16 -3.55 -29.63
CA ILE B 56 -1.45 -4.52 -28.83
C ILE B 56 -0.03 -4.05 -28.65
N GLU B 57 0.38 -3.86 -27.41
CA GLU B 57 1.74 -3.44 -27.13
C GLU B 57 2.41 -4.42 -26.15
N SER B 58 3.73 -4.42 -26.11
CA SER B 58 4.42 -5.32 -25.21
C SER B 58 5.49 -4.57 -24.43
N VAL B 59 5.87 -5.13 -23.29
CA VAL B 59 6.89 -4.56 -22.42
C VAL B 59 7.72 -5.74 -21.94
N PRO B 60 8.95 -5.50 -21.51
CA PRO B 60 9.79 -6.60 -21.05
C PRO B 60 9.14 -7.51 -20.00
N GLY B 61 8.82 -6.94 -18.83
CA GLY B 61 8.24 -7.77 -17.78
C GLY B 61 7.02 -7.18 -17.10
N SER B 62 6.41 -7.96 -16.20
CA SER B 62 5.23 -7.53 -15.48
C SER B 62 5.44 -6.23 -14.73
N TRP B 63 6.66 -6.00 -14.26
CA TRP B 63 6.95 -4.77 -13.55
C TRP B 63 6.64 -3.54 -14.43
N GLU B 64 6.88 -3.66 -15.73
CA GLU B 64 6.65 -2.54 -16.65
C GLU B 64 5.19 -2.36 -17.05
N LEU B 65 4.35 -3.36 -16.77
CA LEU B 65 2.94 -3.25 -17.16
C LEU B 65 2.26 -1.97 -16.74
N PRO B 66 2.33 -1.61 -15.45
CA PRO B 66 1.66 -0.37 -15.04
C PRO B 66 2.20 0.83 -15.76
N GLN B 67 3.51 0.89 -15.92
CA GLN B 67 4.13 2.04 -16.55
C GLN B 67 3.81 2.14 -18.05
N GLY B 68 3.79 1.00 -18.72
CA GLY B 68 3.46 0.99 -20.13
C GLY B 68 2.03 1.42 -20.34
N ILE B 69 1.13 0.94 -19.50
CA ILE B 69 -0.27 1.31 -19.61
C ILE B 69 -0.47 2.81 -19.37
N ARG B 70 0.14 3.35 -18.31
CA ARG B 70 0.01 4.77 -18.00
C ARG B 70 0.46 5.67 -19.15
N ALA B 71 1.58 5.30 -19.78
CA ALA B 71 2.13 6.05 -20.90
C ALA B 71 1.20 6.00 -22.11
N SER B 72 0.69 4.81 -22.41
CA SER B 72 -0.17 4.66 -23.55
C SER B 72 -1.54 5.32 -23.42
N ILE B 73 -2.16 5.29 -22.25
CA ILE B 73 -3.46 5.93 -22.18
C ILE B 73 -3.34 7.43 -22.08
N ALA B 74 -2.11 7.94 -22.03
CA ALA B 74 -1.89 9.38 -21.96
C ALA B 74 -1.71 9.89 -23.40
N ARG B 75 -1.38 9.00 -24.32
CA ARG B 75 -1.18 9.37 -25.71
C ARG B 75 -2.45 9.19 -26.53
N ASN B 76 -3.11 8.04 -26.38
CA ASN B 76 -4.33 7.79 -27.13
C ASN B 76 -5.52 7.61 -26.22
N THR B 77 -6.68 7.43 -26.81
CA THR B 77 -7.90 7.25 -26.05
C THR B 77 -8.39 5.81 -26.20
N TYR B 78 -8.63 5.16 -25.07
CA TYR B 78 -9.10 3.78 -25.10
C TYR B 78 -10.29 3.69 -24.17
N ASP B 79 -11.18 2.75 -24.44
CA ASP B 79 -12.34 2.57 -23.61
C ASP B 79 -12.04 1.57 -22.47
N ALA B 80 -11.06 0.71 -22.70
CA ALA B 80 -10.65 -0.27 -21.71
C ALA B 80 -9.26 -0.81 -22.05
N VAL B 81 -8.53 -1.20 -21.02
CA VAL B 81 -7.20 -1.74 -21.17
C VAL B 81 -7.10 -3.10 -20.49
N ILE B 82 -6.39 -4.04 -21.11
CA ILE B 82 -6.17 -5.34 -20.52
C ILE B 82 -4.66 -5.46 -20.30
N GLY B 83 -4.26 -5.67 -19.06
CA GLY B 83 -2.85 -5.84 -18.73
C GLY B 83 -2.59 -7.34 -18.55
N ILE B 84 -1.68 -7.90 -19.37
CA ILE B 84 -1.41 -9.31 -19.31
C ILE B 84 0.05 -9.65 -19.01
N GLY B 85 0.24 -10.52 -18.03
CA GLY B 85 1.59 -10.92 -17.64
C GLY B 85 1.55 -12.19 -16.82
N VAL B 86 2.69 -12.88 -16.79
CA VAL B 86 2.76 -14.12 -16.04
C VAL B 86 3.94 -14.15 -15.11
N LEU B 87 3.65 -14.26 -13.82
CA LEU B 87 4.67 -14.32 -12.76
C LEU B 87 4.66 -15.71 -12.17
N ILE B 88 5.84 -16.32 -12.10
CA ILE B 88 5.99 -17.66 -11.55
C ILE B 88 6.89 -17.63 -10.33
N LYS B 89 6.45 -18.22 -9.23
CA LYS B 89 7.28 -18.22 -8.03
C LYS B 89 8.66 -18.84 -8.30
N GLY B 90 9.72 -18.14 -7.89
CA GLY B 90 11.07 -18.64 -8.09
C GLY B 90 11.68 -19.08 -6.76
N SER B 91 12.99 -18.94 -6.61
CA SER B 91 13.66 -19.36 -5.35
C SER B 91 13.74 -18.26 -4.30
N THR B 92 13.60 -17.00 -4.71
CA THR B 92 13.69 -15.90 -3.74
C THR B 92 12.32 -15.30 -3.43
N MET B 93 12.30 -14.12 -2.81
CA MET B 93 11.04 -13.43 -2.48
C MET B 93 10.64 -12.45 -3.59
N HIS B 94 11.45 -12.45 -4.64
CA HIS B 94 11.24 -11.57 -5.77
C HIS B 94 9.78 -11.61 -6.26
N PHE B 95 9.26 -12.82 -6.44
CA PHE B 95 7.91 -13.06 -6.93
C PHE B 95 6.88 -12.35 -6.05
N GLU B 96 6.95 -12.55 -4.75
CA GLU B 96 5.99 -11.94 -3.86
C GLU B 96 5.97 -10.40 -3.94
N TYR B 97 7.14 -9.78 -3.92
CA TYR B 97 7.22 -8.34 -3.97
C TYR B 97 6.84 -7.75 -5.30
N ILE B 98 7.24 -8.38 -6.41
CA ILE B 98 6.83 -7.80 -7.69
C ILE B 98 5.31 -7.95 -7.87
N SER B 99 4.76 -9.12 -7.50
CA SER B 99 3.32 -9.36 -7.65
C SER B 99 2.48 -8.31 -6.92
N GLU B 100 2.83 -8.09 -5.66
CA GLU B 100 2.13 -7.15 -4.83
C GLU B 100 2.24 -5.73 -5.42
N ALA B 101 3.42 -5.33 -5.85
CA ALA B 101 3.56 -4.00 -6.39
C ALA B 101 2.86 -3.79 -7.74
N VAL B 102 2.90 -4.79 -8.61
CA VAL B 102 2.25 -4.68 -9.92
C VAL B 102 0.73 -4.59 -9.81
N VAL B 103 0.15 -5.42 -8.96
CA VAL B 103 -1.29 -5.45 -8.77
C VAL B 103 -1.75 -4.11 -8.22
N HIS B 104 -1.05 -3.57 -7.22
N HIS B 104 -1.03 -3.57 -7.24
CA HIS B 104 -1.45 -2.27 -6.69
CA HIS B 104 -1.38 -2.27 -6.66
C HIS B 104 -1.22 -1.19 -7.74
C HIS B 104 -1.23 -1.21 -7.75
N GLY B 105 -0.17 -1.37 -8.55
CA GLY B 105 0.12 -0.42 -9.62
C GLY B 105 -0.96 -0.37 -10.70
N LEU B 106 -1.45 -1.54 -11.11
CA LEU B 106 -2.50 -1.61 -12.12
C LEU B 106 -3.81 -1.01 -11.60
N MET B 107 -4.14 -1.25 -10.32
CA MET B 107 -5.35 -0.69 -9.74
C MET B 107 -5.21 0.85 -9.71
N ARG B 108 -4.02 1.34 -9.35
CA ARG B 108 -3.81 2.77 -9.27
C ARG B 108 -4.00 3.46 -10.63
N VAL B 109 -3.47 2.87 -11.68
CA VAL B 109 -3.59 3.45 -13.00
C VAL B 109 -5.06 3.52 -13.42
N GLY B 110 -5.82 2.48 -13.10
CA GLY B 110 -7.23 2.47 -13.46
C GLY B 110 -7.98 3.57 -12.75
N LEU B 111 -7.81 3.66 -11.44
CA LEU B 111 -8.48 4.67 -10.62
C LEU B 111 -8.02 6.11 -10.95
N ASP B 112 -6.73 6.30 -11.17
CA ASP B 112 -6.19 7.62 -11.49
C ASP B 112 -6.73 8.15 -12.80
N SER B 113 -6.70 7.29 -13.82
CA SER B 113 -7.11 7.68 -15.16
C SER B 113 -8.60 7.62 -15.46
N GLY B 114 -9.34 6.81 -14.71
CA GLY B 114 -10.75 6.67 -14.99
C GLY B 114 -10.99 5.63 -16.07
N VAL B 115 -9.92 5.09 -16.67
CA VAL B 115 -10.07 4.05 -17.71
C VAL B 115 -10.03 2.66 -17.05
N PRO B 116 -11.02 1.80 -17.35
CA PRO B 116 -11.03 0.45 -16.75
C PRO B 116 -9.79 -0.36 -17.14
N VAL B 117 -9.14 -0.95 -16.15
CA VAL B 117 -7.97 -1.78 -16.38
C VAL B 117 -8.34 -3.21 -15.95
N ILE B 118 -8.38 -4.11 -16.92
CA ILE B 118 -8.71 -5.50 -16.68
C ILE B 118 -7.46 -6.29 -16.26
N LEU B 119 -7.58 -7.09 -15.20
CA LEU B 119 -6.46 -7.86 -14.66
C LEU B 119 -6.17 -9.18 -15.36
N GLY B 120 -5.20 -9.19 -16.27
CA GLY B 120 -4.86 -10.42 -16.97
C GLY B 120 -3.52 -10.91 -16.45
N LEU B 121 -3.31 -10.77 -15.14
CA LEU B 121 -2.07 -11.19 -14.51
C LEU B 121 -2.24 -12.55 -13.84
N LEU B 122 -1.33 -13.48 -14.11
CA LEU B 122 -1.38 -14.78 -13.47
C LEU B 122 -0.20 -14.79 -12.51
N THR B 123 -0.45 -15.19 -11.26
CA THR B 123 0.60 -15.29 -10.23
C THR B 123 0.57 -16.73 -9.77
N VAL B 124 1.40 -17.56 -10.39
CA VAL B 124 1.37 -18.99 -10.14
C VAL B 124 2.60 -19.57 -9.46
N LEU B 125 2.48 -20.82 -9.02
CA LEU B 125 3.60 -21.47 -8.34
C LEU B 125 4.58 -22.12 -9.30
N ASN B 126 4.09 -22.62 -10.43
CA ASN B 126 4.98 -23.27 -11.40
C ASN B 126 4.41 -23.06 -12.81
N GLU B 127 5.20 -23.39 -13.82
CA GLU B 127 4.77 -23.21 -15.19
C GLU B 127 3.51 -23.95 -15.60
N GLU B 128 3.36 -25.21 -15.17
CA GLU B 128 2.16 -25.97 -15.52
C GLU B 128 0.88 -25.21 -15.17
N GLN B 129 0.85 -24.57 -13.99
CA GLN B 129 -0.35 -23.84 -13.61
C GLN B 129 -0.71 -22.74 -14.60
N ALA B 130 0.31 -22.04 -15.12
CA ALA B 130 0.08 -20.96 -16.06
C ALA B 130 -0.44 -21.49 -17.40
N LEU B 131 0.17 -22.54 -17.91
CA LEU B 131 -0.27 -23.11 -19.20
C LEU B 131 -1.73 -23.58 -19.09
N TYR B 132 -2.07 -24.19 -17.97
CA TYR B 132 -3.42 -24.67 -17.75
C TYR B 132 -4.42 -23.52 -17.82
N ARG B 133 -4.04 -22.36 -17.31
CA ARG B 133 -4.94 -21.22 -17.31
C ARG B 133 -4.92 -20.48 -18.63
N ALA B 134 -4.06 -20.95 -19.54
CA ALA B 134 -3.95 -20.35 -20.87
C ALA B 134 -4.66 -21.29 -21.85
N GLY B 135 -5.37 -22.27 -21.31
CA GLY B 135 -6.09 -23.18 -22.17
C GLY B 135 -5.38 -24.45 -22.61
N LEU B 136 -4.10 -24.60 -22.26
CA LEU B 136 -3.39 -25.80 -22.64
C LEU B 136 -3.68 -26.92 -21.66
N ASN B 137 -3.33 -28.14 -22.05
CA ASN B 137 -3.52 -29.32 -21.23
C ASN B 137 -4.88 -29.47 -20.58
N GLY B 138 -5.92 -29.20 -21.36
CA GLY B 138 -7.27 -29.37 -20.87
C GLY B 138 -7.79 -28.26 -19.99
N GLY B 139 -7.06 -27.15 -19.89
CA GLY B 139 -7.54 -26.05 -19.07
C GLY B 139 -8.37 -25.05 -19.86
N HIS B 140 -8.99 -24.10 -19.17
CA HIS B 140 -9.81 -23.08 -19.80
C HIS B 140 -8.95 -21.82 -20.04
N ASN B 141 -9.04 -21.23 -21.24
CA ASN B 141 -8.27 -20.04 -21.55
C ASN B 141 -8.88 -18.80 -20.92
N HIS B 142 -8.24 -18.30 -19.87
CA HIS B 142 -8.70 -17.14 -19.11
C HIS B 142 -8.76 -15.84 -19.92
N GLY B 143 -7.94 -15.76 -20.97
CA GLY B 143 -7.93 -14.59 -21.83
C GLY B 143 -9.30 -14.29 -22.41
N ASN B 144 -10.08 -15.33 -22.70
CA ASN B 144 -11.42 -15.09 -23.23
C ASN B 144 -12.22 -14.24 -22.23
N ASP B 145 -12.21 -14.64 -20.97
CA ASP B 145 -12.96 -13.92 -19.94
C ASP B 145 -12.50 -12.47 -19.87
N TRP B 146 -11.20 -12.25 -19.98
CA TRP B 146 -10.68 -10.90 -19.91
C TRP B 146 -11.17 -10.05 -21.07
N GLY B 147 -11.34 -10.69 -22.24
CA GLY B 147 -11.82 -9.99 -23.41
C GLY B 147 -13.25 -9.53 -23.19
N SER B 148 -14.07 -10.42 -22.65
CA SER B 148 -15.47 -10.08 -22.38
C SER B 148 -15.58 -9.00 -21.30
N ALA B 149 -14.70 -9.06 -20.29
CA ALA B 149 -14.73 -8.07 -19.21
C ALA B 149 -14.34 -6.69 -19.73
N ALA B 150 -13.40 -6.66 -20.66
CA ALA B 150 -12.93 -5.41 -21.25
C ALA B 150 -14.10 -4.73 -21.97
N VAL B 151 -14.79 -5.51 -22.79
CA VAL B 151 -15.93 -4.99 -23.53
C VAL B 151 -16.99 -4.44 -22.58
N GLU B 152 -17.38 -5.24 -21.58
CA GLU B 152 -18.39 -4.78 -20.65
C GLU B 152 -18.02 -3.49 -19.91
N MET B 153 -16.81 -3.40 -19.37
CA MET B 153 -16.41 -2.20 -18.64
C MET B 153 -16.21 -1.01 -19.56
N GLY B 154 -15.83 -1.28 -20.80
CA GLY B 154 -15.64 -0.22 -21.77
C GLY B 154 -17.00 0.42 -22.11
N LEU B 155 -18.04 -0.40 -22.24
CA LEU B 155 -19.38 0.10 -22.55
C LEU B 155 -20.02 0.81 -21.37
N LYS B 156 -19.82 0.29 -20.16
CA LYS B 156 -20.39 0.91 -18.98
C LYS B 156 -19.75 2.23 -18.61
N ALA B 157 -18.65 2.55 -19.28
CA ALA B 157 -17.97 3.80 -19.01
C ALA B 157 -18.60 4.89 -19.87
N LEU B 158 -19.86 4.67 -20.25
CA LEU B 158 -20.59 5.64 -21.06
C LEU B 158 -22.08 5.26 -21.23
N SER C 11 -29.06 0.95 15.10
CA SER C 11 -29.76 0.13 14.07
C SER C 11 -31.23 0.50 14.02
N ASP C 12 -31.58 1.63 14.63
CA ASP C 12 -32.96 2.10 14.64
C ASP C 12 -33.27 3.08 13.50
N LEU C 13 -32.22 3.73 13.00
CA LEU C 13 -32.28 4.73 11.94
C LEU C 13 -33.14 4.48 10.71
N LYS C 14 -33.81 5.53 10.25
CA LYS C 14 -34.66 5.46 9.07
C LYS C 14 -34.09 6.43 8.03
N GLY C 15 -34.06 6.02 6.77
CA GLY C 15 -33.52 6.88 5.73
C GLY C 15 -34.36 6.89 4.47
N PRO C 16 -35.61 7.40 4.55
CA PRO C 16 -36.53 7.46 3.41
C PRO C 16 -36.05 8.31 2.23
N GLU C 17 -35.11 9.21 2.46
CA GLU C 17 -34.61 10.07 1.38
C GLU C 17 -33.22 9.67 0.85
N LEU C 18 -32.61 8.66 1.47
CA LEU C 18 -31.28 8.20 1.06
C LEU C 18 -31.26 7.54 -0.30
N ARG C 19 -30.21 7.82 -1.06
CA ARG C 19 -30.01 7.22 -2.37
C ARG C 19 -28.81 6.30 -2.15
N ILE C 20 -29.05 5.00 -2.30
CA ILE C 20 -28.03 4.00 -2.09
C ILE C 20 -27.64 3.25 -3.35
N LEU C 21 -26.34 3.12 -3.58
CA LEU C 21 -25.87 2.38 -4.75
C LEU C 21 -25.23 1.04 -4.31
N ILE C 22 -25.58 -0.03 -5.02
CA ILE C 22 -25.03 -1.35 -4.75
C ILE C 22 -24.34 -1.85 -6.02
N VAL C 23 -23.04 -2.12 -5.94
CA VAL C 23 -22.32 -2.70 -7.09
C VAL C 23 -21.85 -4.09 -6.64
N HIS C 24 -22.19 -5.11 -7.41
CA HIS C 24 -21.80 -6.45 -7.07
C HIS C 24 -21.14 -7.10 -8.27
N ALA C 25 -20.26 -8.05 -7.99
CA ALA C 25 -19.55 -8.75 -9.04
C ALA C 25 -20.43 -9.93 -9.41
N ARG C 26 -20.08 -10.67 -10.46
CA ARG C 26 -20.91 -11.79 -10.82
C ARG C 26 -20.28 -13.17 -10.66
N TRP C 27 -19.09 -13.23 -10.05
CA TRP C 27 -18.43 -14.52 -9.79
C TRP C 27 -19.10 -15.08 -8.56
N ASN C 28 -19.33 -16.38 -8.55
CA ASN C 28 -19.96 -17.04 -7.41
C ASN C 28 -21.35 -16.45 -7.14
N LEU C 29 -22.16 -16.37 -8.19
CA LEU C 29 -23.51 -15.83 -8.09
C LEU C 29 -24.37 -16.52 -7.05
N GLN C 30 -24.12 -17.80 -6.78
CA GLN C 30 -24.90 -18.53 -5.78
C GLN C 30 -24.83 -17.81 -4.45
N ALA C 31 -23.69 -17.20 -4.16
CA ALA C 31 -23.51 -16.49 -2.90
C ALA C 31 -23.86 -15.02 -3.03
N ILE C 32 -23.61 -14.43 -4.19
CA ILE C 32 -23.90 -13.02 -4.41
C ILE C 32 -25.36 -12.65 -4.24
N GLU C 33 -26.24 -13.34 -4.98
CA GLU C 33 -27.69 -13.08 -4.94
C GLU C 33 -28.30 -12.91 -3.56
N PRO C 34 -28.11 -13.90 -2.65
CA PRO C 34 -28.68 -13.78 -1.31
C PRO C 34 -28.13 -12.56 -0.58
N LEU C 35 -26.86 -12.27 -0.81
CA LEU C 35 -26.22 -11.15 -0.16
C LEU C 35 -26.88 -9.85 -0.60
N VAL C 36 -27.13 -9.71 -1.90
CA VAL C 36 -27.74 -8.51 -2.39
C VAL C 36 -29.17 -8.38 -1.88
N LYS C 37 -29.92 -9.48 -1.90
CA LYS C 37 -31.31 -9.45 -1.42
C LYS C 37 -31.36 -9.03 0.04
N GLY C 38 -30.57 -9.69 0.87
CA GLY C 38 -30.57 -9.35 2.29
C GLY C 38 -30.31 -7.87 2.53
N ALA C 39 -29.41 -7.28 1.75
CA ALA C 39 -29.08 -5.88 1.91
C ALA C 39 -30.29 -5.01 1.54
N VAL C 40 -30.84 -5.26 0.35
CA VAL C 40 -31.98 -4.52 -0.14
C VAL C 40 -33.17 -4.68 0.80
N GLU C 41 -33.55 -5.92 1.08
CA GLU C 41 -34.65 -6.17 1.98
C GLU C 41 -34.52 -5.45 3.33
N THR C 42 -33.34 -5.53 3.94
CA THR C 42 -33.12 -4.88 5.22
C THR C 42 -33.25 -3.34 5.15
N MET C 43 -32.70 -2.74 4.09
CA MET C 43 -32.79 -1.30 3.97
C MET C 43 -34.25 -0.85 3.85
N ILE C 44 -35.01 -1.58 3.04
CA ILE C 44 -36.41 -1.30 2.80
C ILE C 44 -37.32 -1.55 4.00
N GLU C 45 -37.43 -2.82 4.39
CA GLU C 45 -38.28 -3.21 5.49
C GLU C 45 -37.88 -2.71 6.88
N LYS C 46 -36.59 -2.46 7.09
CA LYS C 46 -36.16 -2.05 8.41
C LYS C 46 -35.70 -0.60 8.53
N HIS C 47 -35.42 0.05 7.42
CA HIS C 47 -34.95 1.42 7.48
C HIS C 47 -35.72 2.40 6.61
N ASP C 48 -36.83 1.92 6.06
CA ASP C 48 -37.69 2.73 5.21
C ASP C 48 -37.02 3.32 3.98
N VAL C 49 -36.00 2.66 3.46
CA VAL C 49 -35.37 3.18 2.26
C VAL C 49 -36.35 2.82 1.15
N LYS C 50 -36.44 3.67 0.13
CA LYS C 50 -37.36 3.39 -0.97
C LYS C 50 -36.69 2.61 -2.11
N LEU C 51 -37.36 1.56 -2.54
CA LEU C 51 -36.87 0.69 -3.60
C LEU C 51 -36.35 1.48 -4.80
N GLU C 52 -37.09 2.49 -5.20
CA GLU C 52 -36.74 3.32 -6.35
C GLU C 52 -35.51 4.19 -6.10
N ASN C 53 -35.05 4.24 -4.86
CA ASN C 53 -33.86 5.02 -4.52
C ASN C 53 -32.59 4.17 -4.38
N ILE C 54 -32.72 2.90 -4.72
CA ILE C 54 -31.62 1.94 -4.64
C ILE C 54 -31.21 1.50 -6.03
N ASP C 55 -30.02 1.89 -6.47
CA ASP C 55 -29.53 1.49 -7.79
C ASP C 55 -28.69 0.24 -7.62
N ILE C 56 -28.86 -0.71 -8.53
CA ILE C 56 -28.10 -1.93 -8.48
C ILE C 56 -27.36 -2.16 -9.79
N GLU C 57 -26.04 -2.26 -9.70
CA GLU C 57 -25.20 -2.48 -10.88
C GLU C 57 -24.30 -3.70 -10.65
N SER C 58 -23.74 -4.22 -11.74
CA SER C 58 -22.88 -5.36 -11.61
C SER C 58 -21.62 -5.17 -12.48
N VAL C 59 -20.58 -5.92 -12.14
CA VAL C 59 -19.33 -5.89 -12.89
C VAL C 59 -18.94 -7.35 -12.98
N PRO C 60 -18.05 -7.71 -13.91
CA PRO C 60 -17.64 -9.12 -14.03
C PRO C 60 -17.10 -9.71 -12.71
N GLY C 61 -16.02 -9.12 -12.18
CA GLY C 61 -15.43 -9.63 -10.95
C GLY C 61 -15.06 -8.61 -9.88
N SER C 62 -14.63 -9.11 -8.73
CA SER C 62 -14.25 -8.25 -7.62
C SER C 62 -13.21 -7.23 -8.02
N TRP C 63 -12.30 -7.60 -8.91
CA TRP C 63 -11.27 -6.64 -9.34
C TRP C 63 -11.90 -5.35 -9.89
N GLU C 64 -13.02 -5.46 -10.60
CA GLU C 64 -13.72 -4.30 -11.19
C GLU C 64 -14.54 -3.47 -10.22
N LEU C 65 -14.84 -4.00 -9.04
CA LEU C 65 -15.64 -3.28 -8.06
C LEU C 65 -15.21 -1.85 -7.78
N PRO C 66 -13.94 -1.63 -7.43
CA PRO C 66 -13.52 -0.26 -7.17
C PRO C 66 -13.76 0.65 -8.36
N GLN C 67 -13.43 0.15 -9.54
CA GLN C 67 -13.54 0.91 -10.78
C GLN C 67 -15.00 1.15 -11.15
N GLY C 68 -15.85 0.17 -10.92
CA GLY C 68 -17.26 0.35 -11.22
C GLY C 68 -17.86 1.39 -10.29
N ILE C 69 -17.51 1.32 -9.01
CA ILE C 69 -18.03 2.27 -8.03
C ILE C 69 -17.52 3.67 -8.35
N ARG C 70 -16.24 3.78 -8.68
CA ARG C 70 -15.67 5.08 -8.98
C ARG C 70 -16.40 5.77 -10.14
N ALA C 71 -16.70 5.01 -11.18
CA ALA C 71 -17.37 5.51 -12.36
C ALA C 71 -18.80 5.95 -12.03
N SER C 72 -19.48 5.17 -11.21
CA SER C 72 -20.84 5.50 -10.88
C SER C 72 -21.04 6.70 -9.96
N ILE C 73 -20.21 6.87 -8.95
CA ILE C 73 -20.39 8.01 -8.06
C ILE C 73 -19.90 9.30 -8.72
N ALA C 74 -19.36 9.18 -9.93
CA ALA C 74 -18.91 10.34 -10.68
C ALA C 74 -20.04 10.82 -11.57
N ARG C 75 -20.97 9.92 -11.89
CA ARG C 75 -22.11 10.24 -12.74
C ARG C 75 -23.35 10.67 -11.95
N ASN C 76 -23.68 9.93 -10.90
CA ASN C 76 -24.83 10.25 -10.06
C ASN C 76 -24.43 10.58 -8.64
N THR C 77 -25.41 10.90 -7.83
CA THR C 77 -25.14 11.24 -6.45
C THR C 77 -25.75 10.20 -5.53
N TYR C 78 -24.92 9.64 -4.65
CA TYR C 78 -25.37 8.63 -3.71
C TYR C 78 -24.94 9.05 -2.34
N ASP C 79 -25.65 8.57 -1.33
CA ASP C 79 -25.29 8.91 0.05
C ASP C 79 -24.40 7.82 0.60
N ALA C 80 -24.51 6.62 0.03
CA ALA C 80 -23.68 5.50 0.46
C ALA C 80 -23.63 4.44 -0.64
N VAL C 81 -22.56 3.66 -0.60
CA VAL C 81 -22.34 2.61 -1.57
C VAL C 81 -21.97 1.31 -0.88
N ILE C 82 -22.46 0.19 -1.42
CA ILE C 82 -22.13 -1.12 -0.89
C ILE C 82 -21.46 -1.90 -2.00
N GLY C 83 -20.23 -2.35 -1.76
CA GLY C 83 -19.49 -3.14 -2.73
C GLY C 83 -19.55 -4.60 -2.31
N ILE C 84 -20.15 -5.43 -3.16
CA ILE C 84 -20.30 -6.83 -2.86
C ILE C 84 -19.59 -7.74 -3.83
N GLY C 85 -18.79 -8.65 -3.28
CA GLY C 85 -18.06 -9.58 -4.10
C GLY C 85 -17.66 -10.79 -3.29
N VAL C 86 -17.42 -11.92 -3.97
CA VAL C 86 -16.99 -13.13 -3.29
C VAL C 86 -15.69 -13.71 -3.91
N LEU C 87 -14.66 -13.75 -3.10
CA LEU C 87 -13.37 -14.27 -3.53
C LEU C 87 -13.07 -15.56 -2.77
N ILE C 88 -12.79 -16.62 -3.52
CA ILE C 88 -12.51 -17.91 -2.91
C ILE C 88 -11.10 -18.35 -3.25
N LYS C 89 -10.36 -18.78 -2.23
CA LYS C 89 -8.99 -19.23 -2.43
C LYS C 89 -8.92 -20.35 -3.46
N GLY C 90 -8.01 -20.21 -4.41
CA GLY C 90 -7.85 -21.23 -5.44
C GLY C 90 -6.50 -21.94 -5.28
N SER C 91 -5.92 -22.39 -6.39
CA SER C 91 -4.65 -23.10 -6.32
C SER C 91 -3.44 -22.22 -6.45
N THR C 92 -3.63 -20.96 -6.86
CA THR C 92 -2.49 -20.08 -7.03
C THR C 92 -2.54 -18.95 -6.01
N MET C 93 -1.70 -17.94 -6.17
CA MET C 93 -1.67 -16.78 -5.26
C MET C 93 -2.62 -15.70 -5.73
N HIS C 94 -3.32 -15.98 -6.80
CA HIS C 94 -4.26 -15.06 -7.41
C HIS C 94 -5.18 -14.42 -6.37
N PHE C 95 -5.79 -15.27 -5.55
CA PHE C 95 -6.72 -14.87 -4.49
C PHE C 95 -6.14 -13.82 -3.52
N GLU C 96 -4.91 -14.04 -3.08
CA GLU C 96 -4.28 -13.14 -2.15
C GLU C 96 -4.04 -11.76 -2.74
N TYR C 97 -3.46 -11.72 -3.94
CA TYR C 97 -3.16 -10.45 -4.56
C TYR C 97 -4.39 -9.68 -4.99
N ILE C 98 -5.43 -10.36 -5.46
CA ILE C 98 -6.61 -9.62 -5.84
C ILE C 98 -7.29 -9.08 -4.59
N SER C 99 -7.42 -9.91 -3.56
CA SER C 99 -8.07 -9.50 -2.33
C SER C 99 -7.41 -8.25 -1.77
N GLU C 100 -6.09 -8.29 -1.68
CA GLU C 100 -5.38 -7.16 -1.12
C GLU C 100 -5.58 -5.88 -1.92
N ALA C 101 -5.51 -5.98 -3.24
CA ALA C 101 -5.64 -4.77 -4.06
C ALA C 101 -7.08 -4.24 -4.07
N VAL C 102 -8.05 -5.14 -4.06
CA VAL C 102 -9.43 -4.70 -4.08
C VAL C 102 -9.81 -3.98 -2.79
N VAL C 103 -9.40 -4.52 -1.66
CA VAL C 103 -9.70 -3.92 -0.39
C VAL C 103 -9.07 -2.52 -0.32
N HIS C 104 -7.81 -2.43 -0.71
N HIS C 104 -7.81 -2.42 -0.71
CA HIS C 104 -7.15 -1.13 -0.69
CA HIS C 104 -7.15 -1.11 -0.70
C HIS C 104 -7.81 -0.16 -1.69
C HIS C 104 -7.86 -0.17 -1.66
N GLY C 105 -8.33 -0.71 -2.79
CA GLY C 105 -9.00 0.13 -3.78
C GLY C 105 -10.33 0.69 -3.31
N LEU C 106 -11.14 -0.14 -2.64
CA LEU C 106 -12.43 0.29 -2.15
C LEU C 106 -12.22 1.34 -1.06
N MET C 107 -11.18 1.18 -0.24
CA MET C 107 -10.93 2.14 0.82
C MET C 107 -10.53 3.46 0.17
N ARG C 108 -9.72 3.38 -0.88
CA ARG C 108 -9.29 4.59 -1.55
C ARG C 108 -10.46 5.33 -2.16
N VAL C 109 -11.34 4.61 -2.85
CA VAL C 109 -12.47 5.25 -3.49
C VAL C 109 -13.34 6.01 -2.49
N GLY C 110 -13.54 5.42 -1.31
CA GLY C 110 -14.35 6.05 -0.30
C GLY C 110 -13.69 7.31 0.26
N LEU C 111 -12.39 7.24 0.50
CA LEU C 111 -11.65 8.38 1.04
C LEU C 111 -11.41 9.51 0.04
N ASP C 112 -11.35 9.17 -1.25
CA ASP C 112 -11.15 10.16 -2.32
C ASP C 112 -12.43 10.94 -2.61
N SER C 113 -13.55 10.23 -2.59
CA SER C 113 -14.84 10.81 -2.92
C SER C 113 -15.62 11.42 -1.78
N GLY C 114 -15.36 10.97 -0.57
CA GLY C 114 -16.10 11.47 0.57
C GLY C 114 -17.38 10.65 0.71
N VAL C 115 -17.65 9.72 -0.20
CA VAL C 115 -18.83 8.89 -0.09
C VAL C 115 -18.54 7.59 0.67
N PRO C 116 -19.35 7.27 1.69
CA PRO C 116 -19.14 6.04 2.46
C PRO C 116 -19.22 4.79 1.60
N VAL C 117 -18.21 3.93 1.69
CA VAL C 117 -18.21 2.70 0.93
C VAL C 117 -18.24 1.56 1.93
N ILE C 118 -19.30 0.77 1.87
CA ILE C 118 -19.51 -0.36 2.77
C ILE C 118 -18.86 -1.63 2.19
N LEU C 119 -18.09 -2.31 3.02
CA LEU C 119 -17.39 -3.53 2.58
C LEU C 119 -18.28 -4.80 2.59
N GLY C 120 -18.75 -5.21 1.41
CA GLY C 120 -19.58 -6.40 1.27
C GLY C 120 -18.77 -7.48 0.55
N LEU C 121 -17.47 -7.50 0.83
CA LEU C 121 -16.56 -8.44 0.21
C LEU C 121 -16.28 -9.64 1.11
N LEU C 122 -16.49 -10.84 0.59
CA LEU C 122 -16.19 -12.03 1.36
C LEU C 122 -14.89 -12.59 0.76
N THR C 123 -13.93 -12.94 1.62
CA THR C 123 -12.64 -13.51 1.18
C THR C 123 -12.51 -14.82 1.97
N VAL C 124 -12.99 -15.90 1.37
CA VAL C 124 -13.07 -17.22 2.00
C VAL C 124 -12.16 -18.29 1.44
N LEU C 125 -12.05 -19.40 2.19
CA LEU C 125 -11.20 -20.52 1.81
C LEU C 125 -11.86 -21.51 0.86
N ASN C 126 -13.18 -21.60 0.92
CA ASN C 126 -13.94 -22.52 0.08
C ASN C 126 -15.40 -22.02 -0.02
N GLU C 127 -16.14 -22.59 -0.95
CA GLU C 127 -17.50 -22.19 -1.21
C GLU C 127 -18.47 -22.32 -0.05
N GLU C 128 -18.29 -23.33 0.79
CA GLU C 128 -19.16 -23.53 1.94
C GLU C 128 -19.13 -22.32 2.88
N GLN C 129 -17.95 -21.74 3.07
CA GLN C 129 -17.83 -20.58 3.94
C GLN C 129 -18.61 -19.39 3.43
N ALA C 130 -18.68 -19.25 2.09
CA ALA C 130 -19.39 -18.15 1.46
C ALA C 130 -20.91 -18.28 1.61
N LEU C 131 -21.42 -19.46 1.30
CA LEU C 131 -22.84 -19.69 1.38
C LEU C 131 -23.31 -19.50 2.82
N TYR C 132 -22.53 -19.99 3.76
CA TYR C 132 -22.88 -19.85 5.17
C TYR C 132 -23.00 -18.37 5.56
N ARG C 133 -22.13 -17.52 5.02
CA ARG C 133 -22.16 -16.11 5.36
C ARG C 133 -23.22 -15.37 4.55
N ALA C 134 -23.83 -16.09 3.62
CA ALA C 134 -24.89 -15.53 2.79
C ALA C 134 -26.25 -16.00 3.37
N GLY C 135 -26.23 -16.59 4.55
CA GLY C 135 -27.46 -17.04 5.15
C GLY C 135 -27.94 -18.43 4.79
N LEU C 136 -27.14 -19.20 4.06
CA LEU C 136 -27.53 -20.56 3.72
C LEU C 136 -26.99 -21.52 4.78
N ASN C 137 -27.48 -22.76 4.75
CA ASN C 137 -27.06 -23.81 5.69
C ASN C 137 -26.99 -23.39 7.15
N GLY C 138 -27.99 -22.63 7.61
CA GLY C 138 -28.02 -22.22 9.00
C GLY C 138 -27.21 -20.99 9.37
N GLY C 139 -26.58 -20.36 8.37
CA GLY C 139 -25.79 -19.18 8.65
C GLY C 139 -26.58 -17.87 8.64
N HIS C 140 -25.96 -16.83 9.16
CA HIS C 140 -26.56 -15.51 9.21
C HIS C 140 -26.24 -14.73 7.90
N ASN C 141 -27.24 -14.12 7.28
CA ASN C 141 -26.98 -13.38 6.06
C ASN C 141 -26.30 -12.05 6.39
N HIS C 142 -25.04 -11.93 6.00
CA HIS C 142 -24.23 -10.73 6.24
C HIS C 142 -24.71 -9.51 5.42
N GLY C 143 -25.43 -9.74 4.33
CA GLY C 143 -25.94 -8.64 3.55
C GLY C 143 -26.81 -7.72 4.41
N ASN C 144 -27.57 -8.31 5.34
CA ASN C 144 -28.42 -7.52 6.24
C ASN C 144 -27.59 -6.47 6.99
N ASP C 145 -26.46 -6.88 7.54
CA ASP C 145 -25.64 -5.95 8.30
C ASP C 145 -25.12 -4.86 7.37
N TRP C 146 -24.81 -5.21 6.14
CA TRP C 146 -24.30 -4.20 5.23
C TRP C 146 -25.38 -3.16 4.91
N GLY C 147 -26.63 -3.62 4.80
CA GLY C 147 -27.75 -2.73 4.54
C GLY C 147 -27.85 -1.71 5.66
N SER C 148 -27.84 -2.18 6.90
CA SER C 148 -27.90 -1.27 8.03
C SER C 148 -26.74 -0.29 8.06
N ALA C 149 -25.52 -0.77 7.83
CA ALA C 149 -24.34 0.09 7.86
C ALA C 149 -24.42 1.20 6.81
N ALA C 150 -24.94 0.88 5.63
CA ALA C 150 -25.06 1.84 4.55
C ALA C 150 -26.01 2.98 4.97
N VAL C 151 -27.15 2.61 5.52
CA VAL C 151 -28.10 3.62 5.98
C VAL C 151 -27.45 4.49 7.06
N GLU C 152 -26.82 3.87 8.05
CA GLU C 152 -26.20 4.66 9.10
C GLU C 152 -25.13 5.61 8.57
N MET C 153 -24.18 5.12 7.77
CA MET C 153 -23.13 5.98 7.23
C MET C 153 -23.67 7.00 6.25
N GLY C 154 -24.73 6.65 5.54
CA GLY C 154 -25.33 7.59 4.62
C GLY C 154 -25.93 8.77 5.37
N LEU C 155 -26.65 8.50 6.46
CA LEU C 155 -27.26 9.56 7.27
C LEU C 155 -26.21 10.42 7.98
N LYS C 156 -25.14 9.80 8.47
CA LYS C 156 -24.12 10.55 9.19
C LYS C 156 -23.27 11.43 8.28
N ALA C 157 -23.58 11.40 6.98
CA ALA C 157 -22.85 12.20 6.01
C ALA C 157 -23.76 13.25 5.39
N LEU C 158 -24.98 12.84 5.04
CA LEU C 158 -25.96 13.74 4.43
C LEU C 158 -26.42 14.78 5.44
N TYR C 159 -26.56 14.35 6.69
CA TYR C 159 -26.98 15.25 7.78
C TYR C 159 -25.87 15.26 8.82
N ASP D 12 4.31 16.21 32.84
CA ASP D 12 2.83 16.15 32.99
C ASP D 12 2.15 17.15 32.07
N LEU D 13 1.93 16.75 30.83
CA LEU D 13 1.29 17.61 29.85
C LEU D 13 -0.18 17.84 30.18
N LYS D 14 -0.61 19.10 30.12
CA LYS D 14 -1.98 19.50 30.41
C LYS D 14 -2.56 20.19 29.18
N GLY D 15 -3.79 19.84 28.80
CA GLY D 15 -4.38 20.44 27.62
C GLY D 15 -5.80 20.90 27.82
N PRO D 16 -6.01 21.90 28.70
CA PRO D 16 -7.35 22.44 28.99
C PRO D 16 -8.07 23.06 27.80
N GLU D 17 -7.35 23.45 26.76
CA GLU D 17 -8.02 24.04 25.61
C GLU D 17 -8.14 23.09 24.41
N LEU D 18 -7.62 21.87 24.55
CA LEU D 18 -7.64 20.89 23.46
C LEU D 18 -9.02 20.33 23.14
N ARG D 19 -9.32 20.23 21.86
CA ARG D 19 -10.57 19.65 21.41
C ARG D 19 -10.20 18.28 20.83
N ILE D 20 -10.66 17.23 21.49
CA ILE D 20 -10.37 15.87 21.07
C ILE D 20 -11.57 15.11 20.52
N LEU D 21 -11.34 14.37 19.43
CA LEU D 21 -12.40 13.57 18.84
C LEU D 21 -12.11 12.08 19.00
N ILE D 22 -13.15 11.34 19.40
CA ILE D 22 -13.04 9.89 19.54
C ILE D 22 -14.06 9.21 18.65
N VAL D 23 -13.61 8.39 17.72
CA VAL D 23 -14.55 7.66 16.87
C VAL D 23 -14.29 6.17 17.18
N HIS D 24 -15.35 5.46 17.56
CA HIS D 24 -15.20 4.05 17.89
C HIS D 24 -16.22 3.23 17.15
N ALA D 25 -15.86 1.99 16.85
CA ALA D 25 -16.76 1.09 16.12
C ALA D 25 -17.67 0.43 17.15
N ARG D 26 -18.66 -0.30 16.70
CA ARG D 26 -19.54 -0.95 17.65
C ARG D 26 -19.46 -2.48 17.70
N TRP D 27 -18.51 -3.07 16.98
CA TRP D 27 -18.32 -4.53 17.03
C TRP D 27 -17.51 -4.83 18.30
N ASN D 28 -17.88 -5.89 19.01
CA ASN D 28 -17.19 -6.26 20.25
C ASN D 28 -17.24 -5.13 21.29
N LEU D 29 -18.44 -4.65 21.59
CA LEU D 29 -18.65 -3.57 22.55
C LEU D 29 -18.08 -3.89 23.93
N GLN D 30 -18.14 -5.15 24.33
CA GLN D 30 -17.60 -5.58 25.62
C GLN D 30 -16.18 -5.06 25.82
N ALA D 31 -15.43 -4.94 24.73
CA ALA D 31 -14.04 -4.46 24.83
C ALA D 31 -13.92 -2.99 24.46
N ILE D 32 -14.84 -2.51 23.64
CA ILE D 32 -14.81 -1.12 23.22
C ILE D 32 -15.08 -0.18 24.42
N GLU D 33 -16.24 -0.34 25.07
CA GLU D 33 -16.60 0.52 26.20
C GLU D 33 -15.47 0.83 27.19
N PRO D 34 -14.82 -0.20 27.75
CA PRO D 34 -13.73 0.04 28.69
C PRO D 34 -12.63 0.90 28.09
N LEU D 35 -12.32 0.65 26.82
CA LEU D 35 -11.26 1.38 26.12
C LEU D 35 -11.58 2.87 26.01
N VAL D 36 -12.81 3.18 25.64
CA VAL D 36 -13.22 4.57 25.51
C VAL D 36 -13.15 5.24 26.89
N LYS D 37 -13.73 4.60 27.92
CA LYS D 37 -13.71 5.15 29.28
C LYS D 37 -12.29 5.48 29.72
N GLY D 38 -11.41 4.49 29.64
CA GLY D 38 -10.03 4.71 30.04
C GLY D 38 -9.37 5.87 29.33
N ALA D 39 -9.75 6.08 28.07
CA ALA D 39 -9.18 7.17 27.30
C ALA D 39 -9.75 8.49 27.83
N VAL D 40 -11.08 8.56 27.94
CA VAL D 40 -11.73 9.77 28.41
C VAL D 40 -11.27 10.13 29.83
N GLU D 41 -11.43 9.19 30.75
CA GLU D 41 -11.03 9.41 32.14
C GLU D 41 -9.59 9.91 32.26
N THR D 42 -8.68 9.28 31.53
CA THR D 42 -7.29 9.69 31.60
C THR D 42 -7.07 11.12 31.08
N MET D 43 -7.74 11.50 30.00
CA MET D 43 -7.51 12.84 29.45
C MET D 43 -7.98 13.87 30.47
N ILE D 44 -9.16 13.62 31.02
CA ILE D 44 -9.78 14.48 32.02
C ILE D 44 -8.97 14.53 33.32
N GLU D 45 -9.03 13.45 34.06
CA GLU D 45 -8.36 13.35 35.33
C GLU D 45 -6.85 13.56 35.35
N LYS D 46 -6.16 13.27 34.25
CA LYS D 46 -4.71 13.40 34.27
C LYS D 46 -4.12 14.48 33.36
N HIS D 47 -4.91 14.98 32.42
CA HIS D 47 -4.41 16.00 31.50
C HIS D 47 -5.24 17.28 31.47
N ASP D 48 -6.22 17.35 32.37
CA ASP D 48 -7.08 18.52 32.49
C ASP D 48 -7.85 18.86 31.22
N VAL D 49 -8.19 17.83 30.44
CA VAL D 49 -8.97 18.08 29.23
C VAL D 49 -10.40 18.22 29.74
N LYS D 50 -11.18 19.08 29.10
CA LYS D 50 -12.55 19.28 29.54
C LYS D 50 -13.52 18.36 28.83
N LEU D 51 -14.31 17.66 29.63
CA LEU D 51 -15.32 16.73 29.14
C LEU D 51 -16.13 17.28 27.97
N GLU D 52 -16.53 18.54 28.07
CA GLU D 52 -17.34 19.17 27.04
C GLU D 52 -16.54 19.37 25.76
N ASN D 53 -15.23 19.21 25.86
CA ASN D 53 -14.35 19.38 24.70
C ASN D 53 -14.00 18.06 24.02
N ILE D 54 -14.61 16.97 24.50
CA ILE D 54 -14.37 15.64 23.97
C ILE D 54 -15.60 15.10 23.24
N ASP D 55 -15.57 15.08 21.90
CA ASP D 55 -16.68 14.56 21.12
C ASP D 55 -16.50 13.06 20.93
N ILE D 56 -17.59 12.32 21.06
CA ILE D 56 -17.55 10.88 20.89
C ILE D 56 -18.57 10.45 19.87
N GLU D 57 -18.10 9.81 18.79
CA GLU D 57 -19.00 9.34 17.74
C GLU D 57 -18.71 7.85 17.48
N SER D 58 -19.65 7.17 16.86
CA SER D 58 -19.43 5.78 16.61
C SER D 58 -19.79 5.44 15.18
N VAL D 59 -19.29 4.30 14.71
CA VAL D 59 -19.59 3.82 13.35
C VAL D 59 -19.87 2.34 13.55
N PRO D 60 -20.47 1.68 12.55
CA PRO D 60 -20.77 0.24 12.70
C PRO D 60 -19.51 -0.63 12.97
N GLY D 61 -18.57 -0.65 12.02
CA GLY D 61 -17.38 -1.46 12.24
C GLY D 61 -16.06 -0.78 11.95
N SER D 62 -14.95 -1.48 12.22
CA SER D 62 -13.63 -0.90 12.00
C SER D 62 -13.41 -0.42 10.56
N TRP D 63 -14.05 -1.06 9.59
CA TRP D 63 -13.90 -0.64 8.21
C TRP D 63 -14.31 0.84 8.04
N GLU D 64 -15.37 1.25 8.75
CA GLU D 64 -15.90 2.61 8.70
C GLU D 64 -15.09 3.69 9.44
N LEU D 65 -14.19 3.28 10.34
CA LEU D 65 -13.39 4.21 11.10
C LEU D 65 -12.70 5.30 10.27
N PRO D 66 -11.91 4.92 9.26
CA PRO D 66 -11.25 5.95 8.45
C PRO D 66 -12.22 6.93 7.82
N GLN D 67 -13.35 6.41 7.36
CA GLN D 67 -14.37 7.23 6.72
C GLN D 67 -15.08 8.14 7.72
N GLY D 68 -15.43 7.60 8.87
CA GLY D 68 -16.09 8.42 9.86
C GLY D 68 -15.18 9.53 10.37
N ILE D 69 -13.89 9.26 10.52
CA ILE D 69 -12.96 10.28 11.00
C ILE D 69 -12.77 11.39 9.96
N ARG D 70 -12.68 11.00 8.70
CA ARG D 70 -12.49 11.94 7.61
C ARG D 70 -13.66 12.92 7.48
N ALA D 71 -14.86 12.39 7.62
CA ALA D 71 -16.07 13.20 7.53
C ALA D 71 -16.14 14.17 8.71
N SER D 72 -15.82 13.69 9.90
CA SER D 72 -15.83 14.53 11.09
C SER D 72 -14.79 15.63 11.17
N ILE D 73 -13.55 15.37 10.76
CA ILE D 73 -12.56 16.43 10.85
C ILE D 73 -12.70 17.44 9.72
N ALA D 74 -13.62 17.18 8.80
CA ALA D 74 -13.86 18.11 7.69
C ALA D 74 -14.94 19.11 8.12
N ARG D 75 -15.77 18.72 9.09
CA ARG D 75 -16.85 19.55 9.60
C ARG D 75 -16.38 20.43 10.77
N ASN D 76 -15.79 19.83 11.78
CA ASN D 76 -15.31 20.57 12.94
C ASN D 76 -13.80 20.61 12.99
N THR D 77 -13.27 21.24 14.03
CA THR D 77 -11.83 21.35 14.18
C THR D 77 -11.40 20.65 15.44
N TYR D 78 -10.47 19.71 15.31
CA TYR D 78 -10.00 18.96 16.46
C TYR D 78 -8.48 19.05 16.51
N ASP D 79 -7.92 18.89 17.71
CA ASP D 79 -6.49 18.94 17.87
C ASP D 79 -5.86 17.54 17.73
N ALA D 80 -6.68 16.52 17.98
CA ALA D 80 -6.25 15.15 17.86
C ALA D 80 -7.47 14.24 17.82
N VAL D 81 -7.30 13.09 17.18
CA VAL D 81 -8.37 12.12 17.04
C VAL D 81 -7.89 10.74 17.52
N ILE D 82 -8.79 9.98 18.13
CA ILE D 82 -8.48 8.62 18.56
C ILE D 82 -9.45 7.69 17.84
N GLY D 83 -8.90 6.75 17.06
CA GLY D 83 -9.73 5.79 16.35
C GLY D 83 -9.71 4.52 17.17
N ILE D 84 -10.90 4.02 17.55
CA ILE D 84 -10.96 2.82 18.39
C ILE D 84 -11.80 1.73 17.77
N GLY D 85 -11.22 0.53 17.69
CA GLY D 85 -11.92 -0.61 17.12
C GLY D 85 -11.31 -1.94 17.54
N VAL D 86 -12.09 -3.00 17.51
CA VAL D 86 -11.57 -4.29 17.88
C VAL D 86 -11.86 -5.33 16.82
N LEU D 87 -10.78 -5.81 16.21
CA LEU D 87 -10.89 -6.84 15.18
C LEU D 87 -10.36 -8.16 15.74
N ILE D 88 -11.20 -9.19 15.65
CA ILE D 88 -10.84 -10.53 16.14
C ILE D 88 -10.81 -11.53 14.98
N LYS D 89 -9.67 -12.19 14.79
CA LYS D 89 -9.52 -13.20 13.75
C LYS D 89 -10.70 -14.20 13.73
N GLY D 90 -11.27 -14.43 12.55
CA GLY D 90 -12.36 -15.38 12.45
C GLY D 90 -11.91 -16.63 11.70
N SER D 91 -12.80 -17.20 10.89
CA SER D 91 -12.46 -18.41 10.16
C SER D 91 -11.93 -18.16 8.77
N THR D 92 -12.18 -16.97 8.24
CA THR D 92 -11.74 -16.65 6.88
C THR D 92 -10.56 -15.68 6.93
N MET D 93 -10.24 -15.06 5.78
CA MET D 93 -9.11 -14.11 5.73
C MET D 93 -9.62 -12.68 5.87
N HIS D 94 -10.91 -12.56 6.13
CA HIS D 94 -11.60 -11.31 6.32
C HIS D 94 -10.83 -10.40 7.30
N PHE D 95 -10.46 -10.96 8.44
CA PHE D 95 -9.73 -10.24 9.47
C PHE D 95 -8.42 -9.61 8.96
N GLU D 96 -7.62 -10.39 8.24
CA GLU D 96 -6.35 -9.86 7.75
C GLU D 96 -6.54 -8.73 6.74
N TYR D 97 -7.46 -8.89 5.79
CA TYR D 97 -7.66 -7.85 4.79
C TYR D 97 -8.27 -6.57 5.36
N ILE D 98 -9.24 -6.69 6.24
CA ILE D 98 -9.83 -5.51 6.82
C ILE D 98 -8.79 -4.77 7.67
N SER D 99 -8.00 -5.51 8.45
CA SER D 99 -7.00 -4.93 9.35
C SER D 99 -5.97 -4.13 8.59
N GLU D 100 -5.46 -4.73 7.53
CA GLU D 100 -4.45 -4.09 6.73
C GLU D 100 -5.00 -2.81 6.07
N ALA D 101 -6.20 -2.90 5.50
CA ALA D 101 -6.79 -1.73 4.87
C ALA D 101 -7.10 -0.60 5.86
N VAL D 102 -7.64 -0.96 7.03
CA VAL D 102 -8.00 0.05 8.01
C VAL D 102 -6.79 0.79 8.57
N VAL D 103 -5.73 0.05 8.86
CA VAL D 103 -4.52 0.65 9.40
C VAL D 103 -3.90 1.64 8.40
N HIS D 104 -3.94 1.32 7.12
N HIS D 104 -3.95 1.31 7.11
CA HIS D 104 -3.38 2.23 6.11
CA HIS D 104 -3.41 2.16 6.04
C HIS D 104 -4.33 3.43 5.98
C HIS D 104 -4.33 3.39 5.90
N GLY D 105 -5.63 3.15 6.04
CA GLY D 105 -6.61 4.21 5.94
C GLY D 105 -6.44 5.25 7.05
N LEU D 106 -6.29 4.80 8.29
CA LEU D 106 -6.11 5.70 9.41
C LEU D 106 -4.82 6.51 9.26
N MET D 107 -3.76 5.88 8.76
CA MET D 107 -2.52 6.62 8.59
C MET D 107 -2.73 7.64 7.49
N ARG D 108 -3.43 7.27 6.44
CA ARG D 108 -3.64 8.23 5.35
C ARG D 108 -4.44 9.47 5.79
N VAL D 109 -5.55 9.26 6.48
CA VAL D 109 -6.37 10.35 6.95
C VAL D 109 -5.54 11.33 7.81
N GLY D 110 -4.70 10.79 8.68
CA GLY D 110 -3.85 11.63 9.50
C GLY D 110 -2.85 12.43 8.67
N LEU D 111 -2.23 11.80 7.69
CA LEU D 111 -1.24 12.48 6.87
C LEU D 111 -1.85 13.44 5.87
N ASP D 112 -3.05 13.15 5.39
CA ASP D 112 -3.72 14.04 4.46
C ASP D 112 -4.24 15.30 5.16
N SER D 113 -4.76 15.12 6.37
CA SER D 113 -5.36 16.21 7.11
C SER D 113 -4.44 17.05 7.97
N GLY D 114 -3.35 16.45 8.44
CA GLY D 114 -2.46 17.19 9.29
C GLY D 114 -2.92 17.03 10.73
N VAL D 115 -4.03 16.35 10.95
CA VAL D 115 -4.52 16.12 12.30
C VAL D 115 -4.04 14.79 12.86
N PRO D 116 -3.40 14.79 14.04
CA PRO D 116 -2.91 13.57 14.66
C PRO D 116 -4.01 12.55 14.87
N VAL D 117 -3.81 11.36 14.32
CA VAL D 117 -4.78 10.28 14.48
C VAL D 117 -4.07 9.24 15.34
N ILE D 118 -4.64 8.95 16.50
CA ILE D 118 -4.09 7.99 17.45
C ILE D 118 -4.69 6.60 17.18
N LEU D 119 -3.84 5.57 17.17
CA LEU D 119 -4.25 4.20 16.89
C LEU D 119 -4.78 3.44 18.09
N GLY D 120 -6.09 3.32 18.19
CA GLY D 120 -6.68 2.58 19.29
C GLY D 120 -7.38 1.36 18.71
N LEU D 121 -6.70 0.75 17.76
CA LEU D 121 -7.20 -0.44 17.10
C LEU D 121 -6.52 -1.68 17.69
N LEU D 122 -7.33 -2.67 18.05
CA LEU D 122 -6.76 -3.91 18.55
C LEU D 122 -7.03 -4.95 17.45
N THR D 123 -6.00 -5.70 17.09
CA THR D 123 -6.12 -6.75 16.09
C THR D 123 -5.62 -8.01 16.83
N VAL D 124 -6.56 -8.78 17.33
CA VAL D 124 -6.26 -9.96 18.13
C VAL D 124 -6.74 -11.30 17.58
N LEU D 125 -6.26 -12.37 18.20
CA LEU D 125 -6.62 -13.73 17.77
C LEU D 125 -7.92 -14.24 18.38
N ASN D 126 -8.25 -13.78 19.59
CA ASN D 126 -9.47 -14.23 20.25
C ASN D 126 -9.96 -13.14 21.21
N GLU D 127 -11.21 -13.26 21.64
CA GLU D 127 -11.81 -12.28 22.53
C GLU D 127 -11.02 -12.01 23.81
N GLU D 128 -10.56 -13.07 24.46
CA GLU D 128 -9.78 -12.92 25.69
C GLU D 128 -8.65 -11.93 25.54
N GLN D 129 -7.93 -11.97 24.43
CA GLN D 129 -6.83 -11.04 24.24
C GLN D 129 -7.29 -9.60 24.21
N ALA D 130 -8.49 -9.39 23.69
CA ALA D 130 -9.03 -8.05 23.61
C ALA D 130 -9.39 -7.55 25.01
N LEU D 131 -10.14 -8.37 25.76
CA LEU D 131 -10.58 -8.00 27.11
C LEU D 131 -9.37 -7.65 27.98
N TYR D 132 -8.33 -8.46 27.89
CA TYR D 132 -7.12 -8.25 28.66
C TYR D 132 -6.49 -6.88 28.35
N ARG D 133 -6.55 -6.47 27.09
CA ARG D 133 -5.96 -5.19 26.71
C ARG D 133 -6.88 -4.03 26.99
N ALA D 134 -8.09 -4.35 27.42
CA ALA D 134 -9.11 -3.36 27.74
C ALA D 134 -9.19 -3.20 29.26
N GLY D 135 -8.25 -3.81 29.98
CA GLY D 135 -8.22 -3.68 31.43
C GLY D 135 -8.90 -4.75 32.28
N LEU D 136 -9.53 -5.72 31.64
CA LEU D 136 -10.19 -6.79 32.36
C LEU D 136 -9.22 -7.94 32.64
N ASN D 137 -9.67 -8.88 33.47
CA ASN D 137 -8.88 -10.05 33.85
C ASN D 137 -7.42 -9.80 34.17
N GLY D 138 -7.18 -8.72 34.91
CA GLY D 138 -5.83 -8.39 35.34
C GLY D 138 -4.96 -7.68 34.33
N GLY D 139 -5.54 -7.28 33.21
CA GLY D 139 -4.75 -6.60 32.20
C GLY D 139 -4.69 -5.10 32.40
N HIS D 140 -3.89 -4.42 31.58
CA HIS D 140 -3.74 -2.97 31.62
C HIS D 140 -4.65 -2.36 30.54
N ASN D 141 -5.40 -1.33 30.91
CA ASN D 141 -6.29 -0.70 29.94
C ASN D 141 -5.49 0.18 29.00
N HIS D 142 -5.43 -0.21 27.73
CA HIS D 142 -4.67 0.54 26.72
C HIS D 142 -5.31 1.87 26.33
N GLY D 143 -6.58 2.03 26.67
CA GLY D 143 -7.25 3.28 26.37
C GLY D 143 -6.51 4.42 27.08
N ASN D 144 -6.06 4.17 28.30
CA ASN D 144 -5.35 5.18 29.06
C ASN D 144 -4.18 5.75 28.28
N ASP D 145 -3.38 4.88 27.66
CA ASP D 145 -2.22 5.33 26.89
C ASP D 145 -2.62 6.17 25.68
N TRP D 146 -3.73 5.80 25.06
CA TRP D 146 -4.19 6.52 23.88
C TRP D 146 -4.63 7.93 24.22
N GLY D 147 -5.21 8.09 25.41
CA GLY D 147 -5.61 9.41 25.82
C GLY D 147 -4.38 10.29 25.99
N SER D 148 -3.36 9.78 26.66
CA SER D 148 -2.16 10.58 26.87
C SER D 148 -1.51 10.95 25.54
N ALA D 149 -1.46 10.00 24.62
CA ALA D 149 -0.85 10.26 23.31
C ALA D 149 -1.65 11.31 22.58
N ALA D 150 -2.97 11.25 22.71
CA ALA D 150 -3.81 12.23 22.04
C ALA D 150 -3.44 13.62 22.54
N VAL D 151 -3.40 13.78 23.85
CA VAL D 151 -3.06 15.06 24.44
C VAL D 151 -1.70 15.54 24.00
N GLU D 152 -0.69 14.68 24.12
CA GLU D 152 0.65 15.05 23.72
C GLU D 152 0.75 15.44 22.24
N MET D 153 0.18 14.66 21.33
CA MET D 153 0.26 14.99 19.91
C MET D 153 -0.53 16.25 19.61
N GLY D 154 -1.65 16.44 20.31
CA GLY D 154 -2.47 17.62 20.09
C GLY D 154 -1.74 18.90 20.47
N LEU D 155 -0.97 18.84 21.55
CA LEU D 155 -0.21 20.01 21.98
C LEU D 155 0.94 20.29 21.03
N LYS D 156 1.64 19.25 20.59
CA LYS D 156 2.78 19.44 19.69
C LYS D 156 2.37 19.96 18.34
N ALA D 157 1.09 19.91 18.02
CA ALA D 157 0.60 20.42 16.74
C ALA D 157 0.16 21.85 17.00
N LEU D 158 0.21 22.23 18.27
CA LEU D 158 -0.20 23.57 18.74
C LEU D 158 -1.72 23.74 18.68
N GLY E 7 27.10 -6.05 4.29
CA GLY E 7 27.06 -4.87 5.22
C GLY E 7 27.09 -3.53 4.51
N PRO E 8 26.99 -2.39 5.24
CA PRO E 8 26.99 -1.02 4.69
C PRO E 8 28.35 -0.46 4.20
N ASN E 9 28.31 0.72 3.57
CA ASN E 9 29.52 1.39 3.06
C ASN E 9 29.37 2.91 3.16
N PRO E 10 29.44 3.46 4.37
CA PRO E 10 29.32 4.91 4.60
C PRO E 10 30.36 5.76 3.84
N SER E 11 30.11 7.06 3.80
CA SER E 11 30.99 8.02 3.14
C SER E 11 31.77 8.84 4.18
N ASP E 12 32.73 9.65 3.73
CA ASP E 12 33.56 10.47 4.61
C ASP E 12 33.08 11.94 4.61
N LEU E 13 32.09 12.18 3.77
CA LEU E 13 31.45 13.48 3.60
C LEU E 13 31.33 14.30 4.86
N LYS E 14 31.46 15.62 4.68
CA LYS E 14 31.36 16.58 5.78
C LYS E 14 30.16 17.48 5.50
N GLY E 15 29.34 17.72 6.51
CA GLY E 15 28.18 18.57 6.32
C GLY E 15 28.05 19.58 7.42
N PRO E 16 29.00 20.52 7.53
CA PRO E 16 28.98 21.55 8.57
C PRO E 16 27.81 22.51 8.52
N GLU E 17 27.17 22.65 7.36
CA GLU E 17 26.02 23.55 7.25
C GLU E 17 24.66 22.85 7.27
N LEU E 18 24.68 21.51 7.32
CA LEU E 18 23.44 20.72 7.32
C LEU E 18 22.59 20.87 8.57
N ARG E 19 21.28 20.92 8.37
CA ARG E 19 20.35 20.99 9.48
C ARG E 19 19.66 19.61 9.47
N ILE E 20 19.83 18.86 10.56
CA ILE E 20 19.27 17.53 10.69
C ILE E 20 18.25 17.40 11.81
N LEU E 21 17.13 16.75 11.51
CA LEU E 21 16.08 16.55 12.51
C LEU E 21 16.01 15.06 12.86
N ILE E 22 15.80 14.79 14.14
CA ILE E 22 15.68 13.42 14.61
C ILE E 22 14.39 13.29 15.40
N VAL E 23 13.47 12.44 14.95
CA VAL E 23 12.24 12.21 15.70
C VAL E 23 12.31 10.75 16.17
N HIS E 24 12.05 10.53 17.46
CA HIS E 24 12.11 9.19 18.01
C HIS E 24 10.94 8.94 18.91
N ALA E 25 10.51 7.69 19.00
CA ALA E 25 9.39 7.34 19.85
C ALA E 25 9.92 7.08 21.25
N ARG E 26 9.03 6.83 22.21
CA ARG E 26 9.50 6.60 23.57
C ARG E 26 9.26 5.20 24.13
N TRP E 27 8.80 4.28 23.29
CA TRP E 27 8.60 2.90 23.72
C TRP E 27 9.94 2.20 23.63
N ASN E 28 10.25 1.38 24.64
CA ASN E 28 11.53 0.65 24.66
C ASN E 28 12.72 1.62 24.69
N LEU E 29 12.68 2.59 25.61
CA LEU E 29 13.73 3.60 25.72
C LEU E 29 15.12 3.00 25.90
N GLN E 30 15.18 1.85 26.56
CA GLN E 30 16.45 1.16 26.78
C GLN E 30 17.23 1.03 25.47
N ALA E 31 16.51 0.85 24.37
CA ALA E 31 17.16 0.68 23.08
C ALA E 31 17.18 1.99 22.29
N ILE E 32 16.19 2.84 22.51
CA ILE E 32 16.12 4.12 21.80
C ILE E 32 17.34 5.02 22.09
N GLU E 33 17.57 5.29 23.37
CA GLU E 33 18.67 6.15 23.79
C GLU E 33 20.00 5.89 23.12
N PRO E 34 20.50 4.66 23.18
CA PRO E 34 21.77 4.35 22.54
C PRO E 34 21.75 4.64 21.03
N LEU E 35 20.60 4.40 20.40
CA LEU E 35 20.47 4.63 18.96
C LEU E 35 20.61 6.12 18.65
N VAL E 36 19.81 6.94 19.33
CA VAL E 36 19.90 8.39 19.14
C VAL E 36 21.33 8.93 19.38
N LYS E 37 21.95 8.54 20.50
CA LYS E 37 23.30 8.99 20.82
C LYS E 37 24.26 8.65 19.68
N GLY E 38 24.20 7.40 19.22
CA GLY E 38 25.10 6.99 18.15
C GLY E 38 24.94 7.84 16.91
N ALA E 39 23.69 8.12 16.57
CA ALA E 39 23.41 8.92 15.39
C ALA E 39 23.99 10.33 15.59
N VAL E 40 23.69 10.95 16.72
CA VAL E 40 24.20 12.30 16.99
C VAL E 40 25.74 12.33 17.03
N GLU E 41 26.34 11.48 17.86
CA GLU E 41 27.80 11.42 17.96
C GLU E 41 28.47 11.25 16.61
N THR E 42 27.98 10.31 15.81
CA THR E 42 28.58 10.06 14.52
C THR E 42 28.50 11.26 13.56
N MET E 43 27.38 11.97 13.56
CA MET E 43 27.24 13.11 12.67
C MET E 43 28.25 14.20 13.06
N ILE E 44 28.33 14.45 14.36
CA ILE E 44 29.22 15.45 14.91
C ILE E 44 30.69 15.09 14.74
N GLU E 45 31.13 14.07 15.47
CA GLU E 45 32.51 13.66 15.42
C GLU E 45 33.03 13.18 14.08
N LYS E 46 32.17 12.58 13.27
CA LYS E 46 32.66 12.06 12.00
C LYS E 46 32.30 12.84 10.75
N HIS E 47 31.28 13.70 10.84
CA HIS E 47 30.87 14.43 9.64
C HIS E 47 30.91 15.96 9.78
N ASP E 48 31.32 16.41 10.95
CA ASP E 48 31.43 17.85 11.22
C ASP E 48 30.09 18.57 11.23
N VAL E 49 29.05 17.86 11.64
CA VAL E 49 27.73 18.49 11.73
C VAL E 49 27.80 19.22 13.06
N LYS E 50 27.14 20.36 13.16
CA LYS E 50 27.16 21.14 14.38
C LYS E 50 26.03 20.85 15.36
N LEU E 51 26.40 20.57 16.60
CA LEU E 51 25.44 20.26 17.64
C LEU E 51 24.20 21.13 17.60
N GLU E 52 24.39 22.41 17.38
CA GLU E 52 23.27 23.35 17.35
C GLU E 52 22.36 23.20 16.13
N ASN E 53 22.83 22.47 15.13
CA ASN E 53 22.05 22.23 13.93
C ASN E 53 21.30 20.90 13.91
N ILE E 54 21.24 20.24 15.07
CA ILE E 54 20.57 18.96 15.20
C ILE E 54 19.40 19.09 16.13
N ASP E 55 18.18 19.01 15.60
CA ASP E 55 16.98 19.11 16.44
C ASP E 55 16.56 17.70 16.80
N ILE E 56 16.14 17.52 18.05
CA ILE E 56 15.70 16.24 18.54
C ILE E 56 14.31 16.35 19.16
N GLU E 57 13.35 15.63 18.60
CA GLU E 57 11.99 15.62 19.12
C GLU E 57 11.56 14.20 19.41
N SER E 58 10.50 14.05 20.19
CA SER E 58 10.01 12.73 20.54
C SER E 58 8.50 12.66 20.38
N VAL E 59 7.99 11.44 20.21
CA VAL E 59 6.54 11.19 20.10
C VAL E 59 6.28 9.93 20.95
N PRO E 60 5.03 9.69 21.31
CA PRO E 60 4.72 8.51 22.12
C PRO E 60 5.22 7.17 21.54
N GLY E 61 4.65 6.77 20.41
CA GLY E 61 5.02 5.50 19.80
C GLY E 61 5.36 5.59 18.33
N SER E 62 5.84 4.46 17.77
CA SER E 62 6.19 4.44 16.35
C SER E 62 5.06 4.86 15.44
N TRP E 63 3.83 4.60 15.85
CA TRP E 63 2.71 5.00 15.03
C TRP E 63 2.73 6.52 14.77
N GLU E 64 3.24 7.28 15.74
CA GLU E 64 3.27 8.74 15.63
C GLU E 64 4.42 9.33 14.80
N LEU E 65 5.46 8.54 14.57
CA LEU E 65 6.61 8.99 13.79
C LEU E 65 6.33 9.69 12.45
N PRO E 66 5.55 9.06 11.58
CA PRO E 66 5.29 9.74 10.30
C PRO E 66 4.55 11.07 10.47
N GLN E 67 3.66 11.12 11.47
CA GLN E 67 2.88 12.32 11.72
C GLN E 67 3.76 13.42 12.34
N GLY E 68 4.55 13.07 13.34
CA GLY E 68 5.43 14.05 13.95
C GLY E 68 6.43 14.59 12.94
N ILE E 69 6.98 13.72 12.09
CA ILE E 69 7.93 14.18 11.12
C ILE E 69 7.25 15.14 10.11
N ARG E 70 6.04 14.79 9.70
CA ARG E 70 5.33 15.60 8.72
C ARG E 70 5.05 17.00 9.25
N ALA E 71 4.63 17.07 10.51
CA ALA E 71 4.35 18.36 11.14
C ALA E 71 5.62 19.18 11.25
N SER E 72 6.71 18.56 11.70
CA SER E 72 7.95 19.29 11.86
C SER E 72 8.62 19.81 10.60
N ILE E 73 8.55 19.08 9.50
CA ILE E 73 9.19 19.59 8.29
C ILE E 73 8.30 20.60 7.62
N ALA E 74 7.12 20.82 8.20
CA ALA E 74 6.21 21.80 7.63
C ALA E 74 6.51 23.16 8.28
N ARG E 75 7.02 23.11 9.51
CA ARG E 75 7.37 24.31 10.27
C ARG E 75 8.79 24.80 10.00
N ASN E 76 9.77 23.91 10.08
CA ASN E 76 11.16 24.30 9.85
C ASN E 76 11.73 23.66 8.62
N THR E 77 12.96 24.03 8.28
CA THR E 77 13.60 23.48 7.10
C THR E 77 14.75 22.59 7.48
N TYR E 78 14.70 21.34 7.05
CA TYR E 78 15.78 20.41 7.38
C TYR E 78 16.32 19.84 6.11
N ASP E 79 17.59 19.44 6.14
CA ASP E 79 18.19 18.83 4.97
C ASP E 79 17.94 17.31 4.97
N ALA E 80 17.72 16.74 6.15
CA ALA E 80 17.47 15.31 6.28
C ALA E 80 16.80 15.01 7.61
N VAL E 81 16.03 13.93 7.65
CA VAL E 81 15.31 13.52 8.86
C VAL E 81 15.58 12.06 9.19
N ILE E 82 15.73 11.74 10.47
CA ILE E 82 15.97 10.38 10.89
C ILE E 82 14.81 10.00 11.77
N GLY E 83 14.07 8.96 11.37
CA GLY E 83 12.95 8.49 12.18
C GLY E 83 13.42 7.30 12.99
N ILE E 84 13.29 7.35 14.32
CA ILE E 84 13.75 6.25 15.15
C ILE E 84 12.68 5.65 16.04
N GLY E 85 12.54 4.33 15.99
CA GLY E 85 11.53 3.67 16.80
C GLY E 85 11.85 2.21 16.97
N VAL E 86 11.30 1.61 18.01
CA VAL E 86 11.54 0.20 18.24
C VAL E 86 10.23 -0.55 18.47
N LEU E 87 9.93 -1.47 17.55
CA LEU E 87 8.72 -2.29 17.63
C LEU E 87 9.13 -3.72 17.91
N ILE E 88 8.52 -4.32 18.92
CA ILE E 88 8.83 -5.69 19.30
C ILE E 88 7.60 -6.55 19.16
N LYS E 89 7.73 -7.69 18.50
CA LYS E 89 6.59 -8.60 18.32
C LYS E 89 5.96 -8.98 19.66
N GLY E 90 4.64 -8.84 19.76
CA GLY E 90 3.91 -9.17 20.98
C GLY E 90 3.07 -10.44 20.80
N SER E 91 1.94 -10.53 21.49
CA SER E 91 1.13 -11.74 21.37
C SER E 91 0.05 -11.64 20.32
N THR E 92 -0.23 -10.44 19.84
CA THR E 92 -1.30 -10.24 18.87
C THR E 92 -0.70 -9.89 17.51
N MET E 93 -1.55 -9.46 16.55
CA MET E 93 -1.05 -9.07 15.22
C MET E 93 -0.73 -7.56 15.16
N HIS E 94 -0.86 -6.92 16.31
CA HIS E 94 -0.59 -5.51 16.46
C HIS E 94 0.75 -5.12 15.82
N PHE E 95 1.78 -5.90 16.15
CA PHE E 95 3.14 -5.67 15.64
C PHE E 95 3.22 -5.62 14.10
N GLU E 96 2.64 -6.62 13.46
CA GLU E 96 2.66 -6.68 12.01
C GLU E 96 2.00 -5.49 11.34
N TYR E 97 0.78 -5.15 11.78
CA TYR E 97 0.05 -4.06 11.18
C TYR E 97 0.61 -2.69 11.45
N ILE E 98 1.17 -2.46 12.64
CA ILE E 98 1.74 -1.14 12.88
C ILE E 98 3.04 -0.99 12.09
N SER E 99 3.86 -2.05 12.06
CA SER E 99 5.13 -1.98 11.34
C SER E 99 4.91 -1.67 9.87
N GLU E 100 3.93 -2.34 9.27
CA GLU E 100 3.67 -2.12 7.87
C GLU E 100 3.17 -0.70 7.60
N ALA E 101 2.27 -0.21 8.43
CA ALA E 101 1.74 1.13 8.22
C ALA E 101 2.79 2.23 8.44
N VAL E 102 3.63 2.07 9.46
CA VAL E 102 4.65 3.07 9.76
C VAL E 102 5.70 3.15 8.67
N VAL E 103 6.16 2.00 8.19
CA VAL E 103 7.17 1.98 7.14
C VAL E 103 6.64 2.63 5.84
N HIS E 104 5.40 2.34 5.48
N HIS E 104 5.38 2.34 5.51
CA HIS E 104 4.84 2.94 4.28
CA HIS E 104 4.78 2.93 4.31
C HIS E 104 4.62 4.45 4.54
C HIS E 104 4.62 4.44 4.54
N GLY E 105 4.22 4.80 5.77
CA GLY E 105 4.01 6.19 6.15
C GLY E 105 5.29 7.04 6.04
N LEU E 106 6.42 6.50 6.54
CA LEU E 106 7.69 7.21 6.48
C LEU E 106 8.13 7.36 5.03
N MET E 107 7.89 6.34 4.22
CA MET E 107 8.28 6.46 2.82
C MET E 107 7.48 7.57 2.15
N ARG E 108 6.18 7.63 2.44
CA ARG E 108 5.30 8.65 1.87
C ARG E 108 5.71 10.07 2.24
N VAL E 109 5.94 10.30 3.53
CA VAL E 109 6.38 11.62 3.97
C VAL E 109 7.66 12.05 3.22
N GLY E 110 8.60 11.14 3.06
CA GLY E 110 9.81 11.50 2.34
C GLY E 110 9.57 11.84 0.87
N LEU E 111 8.72 11.07 0.20
CA LEU E 111 8.46 11.31 -1.22
C LEU E 111 7.57 12.52 -1.47
N ASP E 112 6.61 12.75 -0.57
CA ASP E 112 5.71 13.90 -0.65
C ASP E 112 6.46 15.23 -0.44
N SER E 113 7.31 15.27 0.58
CA SER E 113 8.02 16.48 0.95
C SER E 113 9.30 16.76 0.20
N GLY E 114 9.94 15.72 -0.32
CA GLY E 114 11.19 15.92 -1.03
C GLY E 114 12.35 15.88 -0.04
N VAL E 115 12.03 15.72 1.25
CA VAL E 115 13.08 15.65 2.27
C VAL E 115 13.49 14.20 2.60
N PRO E 116 14.79 13.89 2.53
CA PRO E 116 15.24 12.53 2.83
C PRO E 116 14.87 12.10 4.24
N VAL E 117 14.17 10.98 4.32
CA VAL E 117 13.78 10.42 5.59
C VAL E 117 14.57 9.13 5.72
N ILE E 118 15.38 9.04 6.77
CA ILE E 118 16.24 7.87 7.04
C ILE E 118 15.49 6.94 7.97
N LEU E 119 15.52 5.64 7.67
CA LEU E 119 14.81 4.65 8.45
C LEU E 119 15.58 4.12 9.65
N GLY E 120 15.20 4.58 10.85
CA GLY E 120 15.86 4.13 12.07
C GLY E 120 14.86 3.31 12.87
N LEU E 121 14.08 2.53 12.14
CA LEU E 121 13.06 1.71 12.76
C LEU E 121 13.55 0.27 12.89
N LEU E 122 13.50 -0.28 14.11
CA LEU E 122 13.86 -1.67 14.32
C LEU E 122 12.55 -2.44 14.50
N THR E 123 12.39 -3.55 13.79
CA THR E 123 11.19 -4.38 13.87
C THR E 123 11.69 -5.75 14.25
N VAL E 124 11.71 -6.02 15.56
CA VAL E 124 12.28 -7.25 16.09
C VAL E 124 11.34 -8.20 16.81
N LEU E 125 11.83 -9.42 17.01
CA LEU E 125 11.06 -10.48 17.68
C LEU E 125 11.08 -10.38 19.20
N ASN E 126 12.20 -9.93 19.76
CA ASN E 126 12.30 -9.81 21.21
C ASN E 126 13.24 -8.68 21.57
N GLU E 127 13.24 -8.31 22.85
CA GLU E 127 14.09 -7.25 23.31
C GLU E 127 15.58 -7.48 23.08
N GLU E 128 16.06 -8.69 23.27
CA GLU E 128 17.48 -8.93 23.06
C GLU E 128 17.95 -8.48 21.67
N GLN E 129 17.14 -8.72 20.66
CA GLN E 129 17.52 -8.33 19.31
C GLN E 129 17.65 -6.82 19.18
N ALA E 130 16.76 -6.09 19.84
CA ALA E 130 16.81 -4.62 19.77
C ALA E 130 18.09 -4.10 20.42
N LEU E 131 18.37 -4.54 21.65
CA LEU E 131 19.57 -4.12 22.37
C LEU E 131 20.83 -4.41 21.59
N TYR E 132 20.87 -5.57 20.96
CA TYR E 132 22.04 -5.95 20.17
C TYR E 132 22.29 -4.96 19.01
N ARG E 133 21.21 -4.49 18.40
CA ARG E 133 21.31 -3.56 17.28
C ARG E 133 21.52 -2.13 17.76
N ALA E 134 21.44 -1.93 19.07
CA ALA E 134 21.64 -0.64 19.70
C ALA E 134 23.07 -0.57 20.26
N GLY E 135 23.89 -1.55 19.90
CA GLY E 135 25.27 -1.57 20.34
C GLY E 135 25.58 -2.25 21.66
N LEU E 136 24.58 -2.81 22.32
CA LEU E 136 24.81 -3.50 23.59
C LEU E 136 25.14 -4.96 23.36
N ASN E 137 25.58 -5.62 24.42
CA ASN E 137 25.94 -7.04 24.39
C ASN E 137 26.78 -7.45 23.20
N GLY E 138 27.73 -6.60 22.82
CA GLY E 138 28.63 -6.92 21.73
C GLY E 138 28.18 -6.63 20.32
N GLY E 139 27.02 -5.99 20.19
CA GLY E 139 26.52 -5.68 18.86
C GLY E 139 27.04 -4.34 18.36
N HIS E 140 26.75 -4.07 17.07
CA HIS E 140 27.13 -2.84 16.40
C HIS E 140 25.96 -1.84 16.52
N ASN E 141 26.26 -0.59 16.87
CA ASN E 141 25.21 0.41 17.02
C ASN E 141 24.79 0.93 15.65
N HIS E 142 23.57 0.58 15.25
CA HIS E 142 23.02 0.97 13.95
C HIS E 142 22.77 2.47 13.84
N GLY E 143 22.55 3.15 14.97
CA GLY E 143 22.35 4.59 14.94
C GLY E 143 23.47 5.27 14.18
N ASN E 144 24.71 4.83 14.39
CA ASN E 144 25.84 5.43 13.70
C ASN E 144 25.64 5.43 12.19
N ASP E 145 25.19 4.30 11.64
CA ASP E 145 24.98 4.18 10.20
C ASP E 145 23.91 5.16 9.74
N TRP E 146 22.90 5.33 10.57
CA TRP E 146 21.83 6.24 10.22
C TRP E 146 22.34 7.67 10.15
N GLY E 147 23.23 8.04 11.08
CA GLY E 147 23.81 9.37 11.09
C GLY E 147 24.54 9.63 9.79
N SER E 148 25.39 8.70 9.36
CA SER E 148 26.12 8.88 8.10
C SER E 148 25.17 8.97 6.91
N ALA E 149 24.10 8.18 6.93
CA ALA E 149 23.14 8.18 5.83
C ALA E 149 22.42 9.51 5.74
N ALA E 150 22.06 10.04 6.89
CA ALA E 150 21.38 11.32 6.96
C ALA E 150 22.30 12.39 6.32
N VAL E 151 23.58 12.39 6.69
CA VAL E 151 24.48 13.37 6.14
C VAL E 151 24.61 13.21 4.64
N GLU E 152 24.83 11.97 4.18
CA GLU E 152 24.98 11.73 2.76
C GLU E 152 23.78 12.15 1.93
N MET E 153 22.57 11.84 2.40
CA MET E 153 21.36 12.19 1.66
C MET E 153 21.11 13.70 1.73
N GLY E 154 21.44 14.31 2.86
CA GLY E 154 21.25 15.74 3.02
C GLY E 154 22.12 16.54 2.05
N LEU E 155 23.35 16.07 1.81
CA LEU E 155 24.26 16.75 0.90
C LEU E 155 23.88 16.49 -0.56
N LYS E 156 23.36 15.32 -0.87
CA LYS E 156 23.00 15.03 -2.25
C LYS E 156 21.71 15.73 -2.66
N ALA E 157 21.04 16.33 -1.69
CA ALA E 157 19.80 17.04 -1.97
C ALA E 157 20.12 18.53 -2.25
N LEU E 158 21.39 18.90 -2.12
CA LEU E 158 21.85 20.27 -2.37
C LEU E 158 22.79 20.31 -3.58
#